data_3OJL
#
_entry.id   3OJL
#
_cell.length_a   77.901
_cell.length_b   87.264
_cell.length_c   131.576
_cell.angle_alpha   90.00
_cell.angle_beta   90.00
_cell.angle_gamma   90.00
#
_symmetry.space_group_name_H-M   'P 21 21 21'
#
loop_
_entity.id
_entity.type
_entity.pdbx_description
1 polymer Cap5O
2 non-polymer NICOTINAMIDE-ADENINE-DINUCLEOTIDE
3 water water
#
_entity_poly.entity_id   1
_entity_poly.type   'polypeptide(L)'
_entity_poly.pdbx_seq_one_letter_code
;MRGSHHHHHHGSKLTVVGLGYIGLPTSIMFAKHGVDVLGVDINQQTIDKLQNGQISIEEPGLQEVYEEVLSSGKLKVSTT
PEASDVFIIAVPTPNNDDQYRSCDISLVMRALDSILPFLKKGNTIIVESTIAPKTMDDFVKPVIENLGFTIGEDIYLVHC
PERVLPGKILEELVHNNRIIGGVTKACIEAGKRVYRTFVQGEMIETDARTAEMSKLMENTYRDVNIALANELTKICNNLN
INVLDVIEMANKHPRVNIHQPGPGVGGHCLAVDPYFIIAKDPENAKLIQTGREINNSMPAYVVDTTKQIIKALSGNKVTV
FGLTYKGDVDDIRESPAFDIYELLNQEPDIEVCAYDPHVELDFVEHDMSHAVKDASLVLILSDHSEFKNLSDSHFDKMKH
KVIFDTKNVVKSSFEDVLYYNYGNIFNFIDK
;
_entity_poly.pdbx_strand_id   A,B
#
# COMPACT_ATOMS: atom_id res chain seq x y z
N SER A 12 -33.35 15.34 -25.97
CA SER A 12 -32.23 14.49 -25.60
C SER A 12 -32.22 13.10 -26.30
N LYS A 13 -31.18 12.87 -27.11
CA LYS A 13 -30.89 11.64 -27.83
C LYS A 13 -29.46 11.16 -27.43
N LEU A 14 -29.24 9.83 -27.39
CA LEU A 14 -27.96 9.24 -26.97
C LEU A 14 -27.60 8.02 -27.83
N THR A 15 -26.29 7.82 -28.07
CA THR A 15 -25.70 6.69 -28.79
C THR A 15 -24.73 6.02 -27.80
N VAL A 16 -24.61 4.67 -27.86
CA VAL A 16 -23.67 3.85 -27.08
C VAL A 16 -22.97 2.97 -28.09
N VAL A 17 -21.64 3.09 -28.18
CA VAL A 17 -20.82 2.31 -29.09
C VAL A 17 -20.17 1.21 -28.27
N GLY A 18 -20.41 -0.05 -28.64
CA GLY A 18 -19.94 -1.19 -27.85
C GLY A 18 -21.05 -1.57 -26.88
N LEU A 19 -21.75 -2.68 -27.17
CA LEU A 19 -22.90 -3.14 -26.40
C LEU A 19 -22.65 -4.47 -25.69
N GLY A 20 -21.54 -4.55 -24.95
CA GLY A 20 -21.15 -5.70 -24.14
C GLY A 20 -21.65 -5.59 -22.71
N TYR A 21 -20.90 -6.17 -21.74
CA TYR A 21 -21.22 -6.11 -20.31
C TYR A 21 -21.38 -4.66 -19.77
N ILE A 22 -20.82 -3.65 -20.46
CA ILE A 22 -20.93 -2.24 -20.10
C ILE A 22 -21.99 -1.54 -20.94
N GLY A 23 -21.80 -1.55 -22.26
CA GLY A 23 -22.67 -0.85 -23.20
C GLY A 23 -24.13 -1.21 -23.14
N LEU A 24 -24.44 -2.52 -23.18
CA LEU A 24 -25.82 -3.01 -23.14
C LEU A 24 -26.56 -2.52 -21.89
N PRO A 25 -26.07 -2.78 -20.63
CA PRO A 25 -26.76 -2.23 -19.46
C PRO A 25 -26.89 -0.72 -19.42
N THR A 26 -25.89 0.02 -19.96
CA THR A 26 -25.88 1.48 -20.02
C THR A 26 -27.02 1.98 -20.94
N SER A 27 -27.23 1.29 -22.09
CA SER A 27 -28.31 1.56 -23.06
C SER A 27 -29.65 1.35 -22.38
N ILE A 28 -29.82 0.17 -21.77
CA ILE A 28 -31.02 -0.26 -21.06
C ILE A 28 -31.35 0.73 -19.93
N MET A 29 -30.35 1.34 -19.29
CA MET A 29 -30.56 2.29 -18.20
C MET A 29 -31.07 3.66 -18.63
N PHE A 30 -30.49 4.22 -19.71
CA PHE A 30 -30.89 5.53 -20.24
C PHE A 30 -32.27 5.44 -20.91
N ALA A 31 -32.55 4.35 -21.66
CA ALA A 31 -33.83 4.10 -22.33
C ALA A 31 -34.98 3.90 -21.31
N LYS A 32 -34.71 3.20 -20.18
CA LYS A 32 -35.64 2.98 -19.07
C LYS A 32 -36.01 4.33 -18.43
N HIS A 33 -35.10 5.29 -18.51
CA HIS A 33 -35.20 6.62 -17.93
C HIS A 33 -35.67 7.70 -18.94
N GLY A 34 -36.24 7.24 -20.05
CA GLY A 34 -36.85 8.09 -21.07
C GLY A 34 -35.99 8.70 -22.15
N VAL A 35 -34.68 8.39 -22.17
CA VAL A 35 -33.79 8.93 -23.21
C VAL A 35 -33.96 8.06 -24.46
N ASP A 36 -33.99 8.70 -25.64
CA ASP A 36 -34.06 7.99 -26.92
C ASP A 36 -32.65 7.44 -27.18
N VAL A 37 -32.46 6.11 -27.03
CA VAL A 37 -31.13 5.54 -27.22
C VAL A 37 -30.92 4.62 -28.45
N LEU A 38 -29.75 4.82 -29.11
CA LEU A 38 -29.26 4.04 -30.22
C LEU A 38 -28.10 3.27 -29.64
N GLY A 39 -28.15 1.97 -29.82
CA GLY A 39 -27.11 1.04 -29.43
C GLY A 39 -26.42 0.64 -30.71
N VAL A 40 -25.08 0.74 -30.73
CA VAL A 40 -24.23 0.48 -31.90
C VAL A 40 -23.17 -0.56 -31.57
N ASP A 41 -23.06 -1.61 -32.41
CA ASP A 41 -22.06 -2.66 -32.19
C ASP A 41 -21.46 -3.16 -33.50
N ILE A 42 -20.17 -3.60 -33.49
CA ILE A 42 -19.51 -4.14 -34.69
C ILE A 42 -20.08 -5.52 -35.01
N ASN A 43 -20.64 -6.22 -33.99
CA ASN A 43 -21.17 -7.57 -34.17
C ASN A 43 -22.60 -7.65 -34.66
N GLN A 44 -22.79 -8.20 -35.90
CA GLN A 44 -24.11 -8.40 -36.51
C GLN A 44 -24.89 -9.43 -35.72
N GLN A 45 -24.20 -10.45 -35.15
CA GLN A 45 -24.80 -11.48 -34.30
C GLN A 45 -25.51 -10.77 -33.15
N THR A 46 -24.74 -9.98 -32.35
CA THR A 46 -25.20 -9.18 -31.22
C THR A 46 -26.37 -8.27 -31.65
N ILE A 47 -26.27 -7.60 -32.82
CA ILE A 47 -27.33 -6.72 -33.34
C ILE A 47 -28.63 -7.48 -33.66
N ASP A 48 -28.52 -8.62 -34.37
CA ASP A 48 -29.63 -9.50 -34.74
C ASP A 48 -30.30 -10.04 -33.49
N LYS A 49 -29.51 -10.61 -32.56
CA LYS A 49 -29.98 -11.14 -31.27
C LYS A 49 -30.72 -10.06 -30.46
N LEU A 50 -30.29 -8.80 -30.55
CA LEU A 50 -30.94 -7.72 -29.82
C LEU A 50 -32.21 -7.24 -30.52
N GLN A 51 -32.18 -7.19 -31.87
CA GLN A 51 -33.31 -6.82 -32.72
C GLN A 51 -34.43 -7.87 -32.62
N ASN A 52 -34.06 -9.15 -32.41
CA ASN A 52 -34.94 -10.30 -32.24
C ASN A 52 -35.67 -10.27 -30.88
N GLY A 53 -35.13 -9.50 -29.92
CA GLY A 53 -35.68 -9.33 -28.58
C GLY A 53 -34.98 -10.07 -27.46
N GLN A 54 -33.68 -10.42 -27.64
CA GLN A 54 -32.90 -11.14 -26.64
C GLN A 54 -31.60 -10.41 -26.29
N ILE A 55 -31.24 -10.37 -24.99
CA ILE A 55 -30.01 -9.74 -24.53
C ILE A 55 -28.78 -10.54 -24.93
N SER A 56 -27.65 -9.85 -25.16
CA SER A 56 -26.39 -10.47 -25.57
C SER A 56 -25.56 -11.04 -24.40
N ILE A 57 -25.67 -10.42 -23.21
CA ILE A 57 -24.92 -10.83 -22.02
C ILE A 57 -25.79 -11.45 -20.91
N GLU A 58 -25.24 -12.43 -20.17
CA GLU A 58 -25.95 -13.10 -19.08
C GLU A 58 -26.00 -12.21 -17.84
N GLU A 59 -27.22 -11.75 -17.46
CA GLU A 59 -27.43 -10.88 -16.28
C GLU A 59 -28.84 -11.10 -15.69
N PRO A 60 -28.94 -11.30 -14.35
CA PRO A 60 -30.27 -11.51 -13.72
C PRO A 60 -31.31 -10.38 -13.89
N GLY A 61 -32.46 -10.69 -14.48
CA GLY A 61 -33.54 -9.71 -14.66
C GLY A 61 -33.29 -8.59 -15.67
N LEU A 62 -32.13 -8.63 -16.36
CA LEU A 62 -31.81 -7.69 -17.43
C LEU A 62 -32.67 -7.94 -18.66
N GLN A 63 -32.94 -9.22 -19.02
CA GLN A 63 -33.75 -9.57 -20.19
C GLN A 63 -35.16 -8.95 -20.08
N GLU A 64 -35.70 -8.91 -18.83
CA GLU A 64 -37.00 -8.36 -18.42
C GLU A 64 -37.04 -6.84 -18.64
N VAL A 65 -36.03 -6.10 -18.14
CA VAL A 65 -35.91 -4.63 -18.30
C VAL A 65 -35.62 -4.23 -19.73
N TYR A 66 -34.99 -5.13 -20.51
CA TYR A 66 -34.70 -4.88 -21.90
C TYR A 66 -36.02 -4.95 -22.69
N GLU A 67 -36.80 -6.05 -22.48
CA GLU A 67 -38.07 -6.33 -23.12
C GLU A 67 -39.00 -5.12 -23.18
N GLU A 68 -39.26 -4.50 -22.03
CA GLU A 68 -40.12 -3.31 -21.91
C GLU A 68 -39.55 -2.13 -22.69
N VAL A 69 -38.23 -1.92 -22.56
CA VAL A 69 -37.43 -0.85 -23.17
C VAL A 69 -37.41 -0.89 -24.70
N LEU A 70 -37.28 -2.10 -25.30
CA LEU A 70 -37.26 -2.28 -26.75
C LEU A 70 -38.68 -2.06 -27.32
N SER A 71 -39.72 -2.48 -26.55
CA SER A 71 -41.13 -2.32 -26.89
C SER A 71 -41.55 -0.84 -26.80
N SER A 72 -40.95 -0.07 -25.87
CA SER A 72 -41.18 1.36 -25.65
C SER A 72 -40.73 2.23 -26.83
N GLY A 73 -39.81 1.69 -27.65
CA GLY A 73 -39.21 2.37 -28.79
C GLY A 73 -38.08 3.28 -28.36
N LYS A 74 -37.70 3.21 -27.07
CA LYS A 74 -36.65 4.00 -26.42
C LYS A 74 -35.26 3.46 -26.69
N LEU A 75 -35.15 2.17 -27.03
CA LEU A 75 -33.88 1.55 -27.40
C LEU A 75 -34.01 0.91 -28.76
N LYS A 76 -33.15 1.34 -29.67
CA LYS A 76 -33.04 0.83 -31.05
C LYS A 76 -31.58 0.45 -31.28
N VAL A 77 -31.31 -0.74 -31.83
CA VAL A 77 -29.92 -1.15 -32.07
C VAL A 77 -29.61 -1.21 -33.56
N SER A 78 -28.52 -0.53 -33.97
CA SER A 78 -28.03 -0.49 -35.35
C SER A 78 -26.53 -0.78 -35.34
N THR A 79 -25.90 -0.94 -36.51
CA THR A 79 -24.46 -1.14 -36.64
C THR A 79 -23.85 0.19 -37.08
N THR A 80 -24.71 1.17 -37.37
CA THR A 80 -24.38 2.51 -37.87
C THR A 80 -24.85 3.55 -36.85
N PRO A 81 -23.96 4.46 -36.38
CA PRO A 81 -24.43 5.50 -35.46
C PRO A 81 -25.19 6.57 -36.23
N GLU A 82 -25.76 7.53 -35.52
CA GLU A 82 -26.46 8.68 -36.08
C GLU A 82 -26.27 9.86 -35.17
N ALA A 83 -26.62 11.06 -35.65
CA ALA A 83 -26.49 12.29 -34.87
C ALA A 83 -27.22 12.13 -33.53
N SER A 84 -26.53 12.42 -32.44
CA SER A 84 -27.04 12.32 -31.09
C SER A 84 -26.61 13.56 -30.33
N ASP A 85 -27.14 13.74 -29.13
CA ASP A 85 -26.74 14.87 -28.30
C ASP A 85 -25.55 14.45 -27.46
N VAL A 86 -25.40 13.13 -27.22
CA VAL A 86 -24.34 12.50 -26.44
C VAL A 86 -23.97 11.12 -26.98
N PHE A 87 -22.65 10.88 -27.16
CA PHE A 87 -22.02 9.64 -27.65
C PHE A 87 -21.17 8.99 -26.52
N ILE A 88 -21.42 7.70 -26.22
CA ILE A 88 -20.72 6.95 -25.18
C ILE A 88 -19.94 5.77 -25.79
N ILE A 89 -18.61 5.76 -25.62
CA ILE A 89 -17.73 4.69 -26.13
C ILE A 89 -17.50 3.70 -24.98
N ALA A 90 -18.00 2.46 -25.15
CA ALA A 90 -17.92 1.37 -24.17
C ALA A 90 -17.45 0.10 -24.83
N VAL A 91 -16.38 0.25 -25.62
CA VAL A 91 -15.76 -0.82 -26.38
C VAL A 91 -14.60 -1.41 -25.55
N PRO A 92 -14.10 -2.65 -25.83
CA PRO A 92 -13.05 -3.19 -24.98
C PRO A 92 -11.69 -2.54 -25.18
N THR A 93 -10.87 -2.63 -24.12
CA THR A 93 -9.51 -2.13 -24.15
C THR A 93 -8.57 -3.27 -23.77
N PRO A 94 -8.14 -4.04 -24.78
CA PRO A 94 -7.22 -5.16 -24.49
C PRO A 94 -5.81 -4.71 -24.13
N ASN A 95 -5.01 -5.65 -23.62
CA ASN A 95 -3.62 -5.43 -23.28
C ASN A 95 -2.81 -5.86 -24.49
N ASN A 96 -2.19 -4.87 -25.17
CA ASN A 96 -1.33 -5.08 -26.33
C ASN A 96 -0.32 -6.20 -26.03
N ASP A 97 -0.19 -7.15 -26.99
CA ASP A 97 0.66 -8.35 -26.91
C ASP A 97 2.13 -8.06 -26.50
N ASP A 98 2.55 -6.79 -26.66
CA ASP A 98 3.89 -6.27 -26.39
C ASP A 98 4.51 -6.52 -24.99
N GLN A 99 5.78 -6.08 -24.85
CA GLN A 99 6.63 -6.19 -23.65
C GLN A 99 6.01 -5.58 -22.39
N TYR A 100 5.57 -4.33 -22.50
CA TYR A 100 5.00 -3.56 -21.42
C TYR A 100 3.48 -3.70 -21.24
N ARG A 101 2.84 -4.62 -22.01
CA ARG A 101 1.39 -4.89 -21.96
C ARG A 101 0.55 -3.59 -22.02
N SER A 102 0.96 -2.68 -22.92
CA SER A 102 0.36 -1.38 -23.18
C SER A 102 -1.17 -1.44 -23.39
N CYS A 103 -1.85 -0.33 -23.07
CA CYS A 103 -3.28 -0.24 -23.30
C CYS A 103 -3.54 -0.25 -24.80
N ASP A 104 -4.44 -1.12 -25.25
CA ASP A 104 -4.74 -1.07 -26.65
C ASP A 104 -5.95 -0.17 -26.82
N ILE A 105 -5.71 1.08 -27.26
CA ILE A 105 -6.77 2.08 -27.43
C ILE A 105 -7.33 2.01 -28.84
N SER A 106 -6.85 1.03 -29.63
CA SER A 106 -7.24 0.76 -31.01
C SER A 106 -8.75 0.64 -31.24
N LEU A 107 -9.49 0.09 -30.26
CA LEU A 107 -10.93 -0.07 -30.38
C LEU A 107 -11.70 1.21 -30.11
N VAL A 108 -11.18 2.06 -29.20
CA VAL A 108 -11.76 3.37 -28.85
C VAL A 108 -11.58 4.28 -30.05
N MET A 109 -10.38 4.19 -30.70
CA MET A 109 -10.01 5.00 -31.87
C MET A 109 -10.91 4.76 -33.09
N ARG A 110 -11.18 3.46 -33.46
CA ARG A 110 -12.13 3.15 -34.54
C ARG A 110 -13.58 3.51 -34.14
N ALA A 111 -13.99 3.32 -32.84
CA ALA A 111 -15.31 3.79 -32.34
C ALA A 111 -15.40 5.30 -32.47
N LEU A 112 -14.31 6.01 -32.15
CA LEU A 112 -14.25 7.47 -32.27
C LEU A 112 -14.42 7.86 -33.73
N ASP A 113 -13.74 7.15 -34.66
CA ASP A 113 -13.83 7.40 -36.10
C ASP A 113 -15.27 7.26 -36.61
N SER A 114 -15.99 6.23 -36.14
CA SER A 114 -17.37 5.95 -36.50
C SER A 114 -18.38 7.05 -36.00
N ILE A 115 -18.01 7.78 -34.92
CA ILE A 115 -18.79 8.87 -34.30
C ILE A 115 -18.58 10.20 -35.02
N LEU A 116 -17.34 10.42 -35.47
CA LEU A 116 -16.83 11.63 -36.11
C LEU A 116 -17.73 12.29 -37.19
N PRO A 117 -18.23 11.57 -38.23
CA PRO A 117 -19.04 12.24 -39.24
C PRO A 117 -20.42 12.73 -38.80
N PHE A 118 -20.94 12.24 -37.65
CA PHE A 118 -22.27 12.62 -37.12
C PHE A 118 -22.23 13.70 -36.02
N LEU A 119 -21.04 14.23 -35.73
CA LEU A 119 -20.85 15.25 -34.70
C LEU A 119 -21.42 16.59 -35.12
N LYS A 120 -22.09 17.25 -34.19
CA LYS A 120 -22.67 18.56 -34.38
C LYS A 120 -22.35 19.40 -33.16
N LYS A 121 -22.17 20.71 -33.34
CA LYS A 121 -21.87 21.61 -32.24
C LYS A 121 -22.92 21.50 -31.14
N GLY A 122 -22.46 21.32 -29.90
CA GLY A 122 -23.30 21.15 -28.72
C GLY A 122 -23.27 19.74 -28.16
N ASN A 123 -22.71 18.78 -28.94
CA ASN A 123 -22.60 17.38 -28.57
C ASN A 123 -21.63 17.07 -27.40
N THR A 124 -21.80 15.89 -26.76
CA THR A 124 -21.04 15.38 -25.63
C THR A 124 -20.50 13.98 -25.93
N ILE A 125 -19.17 13.79 -25.89
CA ILE A 125 -18.50 12.48 -26.08
C ILE A 125 -17.99 11.96 -24.72
N ILE A 126 -18.33 10.70 -24.39
CA ILE A 126 -17.95 10.02 -23.16
C ILE A 126 -17.19 8.73 -23.45
N VAL A 127 -15.97 8.59 -22.89
CA VAL A 127 -15.17 7.37 -23.03
C VAL A 127 -15.26 6.63 -21.70
N GLU A 128 -16.02 5.52 -21.70
CA GLU A 128 -16.30 4.66 -20.54
C GLU A 128 -15.30 3.54 -20.43
N SER A 129 -14.61 3.26 -21.53
CA SER A 129 -13.57 2.25 -21.64
C SER A 129 -12.36 2.65 -20.78
N THR A 130 -11.59 1.66 -20.31
CA THR A 130 -10.40 1.91 -19.52
C THR A 130 -9.30 2.41 -20.46
N ILE A 131 -8.76 3.60 -20.21
CA ILE A 131 -7.73 4.13 -21.10
C ILE A 131 -6.46 4.51 -20.34
N ALA A 132 -5.31 4.48 -21.02
CA ALA A 132 -3.99 4.84 -20.48
C ALA A 132 -3.97 6.33 -20.16
N PRO A 133 -3.17 6.80 -19.17
CA PRO A 133 -3.14 8.26 -18.90
C PRO A 133 -2.77 9.10 -20.13
N LYS A 134 -3.37 10.27 -20.24
CA LYS A 134 -3.17 11.22 -21.34
C LYS A 134 -3.76 10.76 -22.68
N THR A 135 -4.66 9.75 -22.68
CA THR A 135 -5.36 9.32 -23.90
C THR A 135 -6.30 10.43 -24.41
N MET A 136 -7.18 10.94 -23.52
CA MET A 136 -8.16 11.96 -23.82
C MET A 136 -7.56 13.21 -24.45
N ASP A 137 -6.34 13.58 -24.01
CA ASP A 137 -5.62 14.79 -24.37
C ASP A 137 -4.73 14.68 -25.59
N ASP A 138 -4.00 13.59 -25.70
CA ASP A 138 -3.02 13.39 -26.76
C ASP A 138 -3.54 12.58 -27.92
N PHE A 139 -4.67 11.88 -27.76
CA PHE A 139 -5.22 11.03 -28.82
C PHE A 139 -6.61 11.44 -29.24
N VAL A 140 -7.56 11.47 -28.27
CA VAL A 140 -8.95 11.87 -28.55
C VAL A 140 -9.04 13.36 -28.92
N LYS A 141 -8.72 14.27 -27.96
CA LYS A 141 -8.76 15.75 -28.15
C LYS A 141 -8.26 16.22 -29.52
N PRO A 142 -7.04 15.79 -30.01
CA PRO A 142 -6.57 16.25 -31.33
C PRO A 142 -7.49 15.98 -32.50
N VAL A 143 -7.92 14.72 -32.65
CA VAL A 143 -8.83 14.24 -33.71
C VAL A 143 -10.13 15.07 -33.77
N ILE A 144 -10.71 15.41 -32.61
CA ILE A 144 -11.93 16.22 -32.53
C ILE A 144 -11.63 17.69 -32.93
N GLU A 145 -10.65 18.33 -32.24
CA GLU A 145 -10.25 19.73 -32.47
C GLU A 145 -9.90 20.03 -33.92
N ASN A 146 -9.38 19.00 -34.62
CA ASN A 146 -9.00 19.07 -36.02
C ASN A 146 -10.19 19.32 -36.96
N LEU A 147 -11.41 18.84 -36.61
CA LEU A 147 -12.61 19.04 -37.41
C LEU A 147 -13.09 20.48 -37.37
N GLY A 148 -12.61 21.24 -36.37
CA GLY A 148 -12.98 22.63 -36.18
C GLY A 148 -13.54 22.92 -34.81
N PHE A 149 -14.04 21.84 -34.15
CA PHE A 149 -14.60 21.86 -32.81
C PHE A 149 -13.60 22.33 -31.75
N THR A 150 -14.13 22.91 -30.68
CA THR A 150 -13.33 23.44 -29.59
C THR A 150 -13.89 22.90 -28.30
N ILE A 151 -13.06 22.12 -27.61
CA ILE A 151 -13.35 21.45 -26.36
C ILE A 151 -13.76 22.49 -25.33
N GLY A 152 -14.95 22.31 -24.76
CA GLY A 152 -15.52 23.22 -23.78
C GLY A 152 -16.47 24.25 -24.37
N GLU A 153 -16.57 24.28 -25.71
CA GLU A 153 -17.42 25.21 -26.43
C GLU A 153 -18.30 24.49 -27.44
N ASP A 154 -17.73 24.00 -28.57
CA ASP A 154 -18.49 23.30 -29.60
C ASP A 154 -18.76 21.86 -29.22
N ILE A 155 -17.83 21.23 -28.48
CA ILE A 155 -17.91 19.82 -28.10
C ILE A 155 -17.31 19.56 -26.71
N TYR A 156 -17.94 18.60 -25.97
CA TYR A 156 -17.53 18.23 -24.61
C TYR A 156 -16.95 16.81 -24.52
N LEU A 157 -15.67 16.69 -24.12
CA LEU A 157 -14.97 15.41 -23.98
C LEU A 157 -14.90 15.00 -22.51
N VAL A 158 -15.43 13.82 -22.20
CA VAL A 158 -15.47 13.29 -20.82
C VAL A 158 -14.98 11.84 -20.76
N HIS A 159 -14.14 11.56 -19.76
CA HIS A 159 -13.72 10.19 -19.45
C HIS A 159 -14.46 9.88 -18.20
N CYS A 160 -15.28 8.84 -18.24
CA CYS A 160 -16.03 8.42 -17.06
C CYS A 160 -15.82 6.92 -16.99
N PRO A 161 -14.79 6.44 -16.27
CA PRO A 161 -14.53 5.00 -16.27
C PRO A 161 -15.60 4.21 -15.54
N GLU A 162 -16.32 3.37 -16.33
CA GLU A 162 -17.42 2.54 -15.84
C GLU A 162 -16.91 1.14 -15.55
N ARG A 163 -17.16 0.68 -14.33
CA ARG A 163 -16.77 -0.63 -13.83
C ARG A 163 -18.02 -1.23 -13.15
N VAL A 164 -18.34 -2.51 -13.41
CA VAL A 164 -19.51 -3.17 -12.81
C VAL A 164 -19.27 -4.64 -12.44
N LEU A 165 -19.84 -5.06 -11.30
CA LEU A 165 -19.81 -6.43 -10.81
C LEU A 165 -21.13 -7.09 -11.27
N PRO A 166 -21.10 -8.25 -11.98
CA PRO A 166 -22.35 -8.89 -12.43
C PRO A 166 -23.40 -9.16 -11.33
N GLY A 167 -23.04 -8.80 -10.11
CA GLY A 167 -23.93 -8.84 -8.95
C GLY A 167 -24.81 -7.60 -8.99
N LYS A 168 -25.79 -7.61 -9.92
CA LYS A 168 -26.72 -6.51 -10.19
C LYS A 168 -26.00 -5.24 -10.69
N ILE A 169 -25.74 -5.24 -12.01
CA ILE A 169 -25.04 -4.19 -12.76
C ILE A 169 -25.89 -2.91 -12.77
N LEU A 170 -27.21 -3.05 -12.97
CA LEU A 170 -28.17 -1.96 -13.01
C LEU A 170 -28.25 -1.21 -11.68
N GLU A 171 -28.15 -1.95 -10.57
CA GLU A 171 -28.15 -1.44 -9.22
C GLU A 171 -26.91 -0.56 -8.99
N GLU A 172 -25.75 -1.04 -9.50
CA GLU A 172 -24.43 -0.39 -9.44
C GLU A 172 -24.40 0.87 -10.29
N LEU A 173 -25.10 0.84 -11.44
CA LEU A 173 -25.25 1.92 -12.43
C LEU A 173 -25.98 3.12 -11.85
N VAL A 174 -26.82 2.89 -10.85
CA VAL A 174 -27.60 3.91 -10.15
C VAL A 174 -26.89 4.43 -8.91
N HIS A 175 -26.60 3.52 -7.97
CA HIS A 175 -26.08 3.88 -6.67
C HIS A 175 -24.58 4.12 -6.50
N ASN A 176 -23.75 3.55 -7.36
CA ASN A 176 -22.30 3.74 -7.26
C ASN A 176 -21.84 5.17 -7.55
N ASN A 177 -20.77 5.57 -6.87
CA ASN A 177 -20.11 6.87 -7.05
C ASN A 177 -19.36 6.86 -8.37
N ARG A 178 -19.52 7.97 -9.13
CA ARG A 178 -18.95 8.16 -10.46
C ARG A 178 -17.92 9.27 -10.48
N ILE A 179 -16.92 9.12 -11.36
CA ILE A 179 -15.87 10.11 -11.58
C ILE A 179 -16.11 10.75 -12.95
N ILE A 180 -16.36 12.07 -12.95
CA ILE A 180 -16.59 12.85 -14.17
C ILE A 180 -15.27 13.53 -14.49
N GLY A 181 -14.55 13.00 -15.49
CA GLY A 181 -13.25 13.53 -15.86
C GLY A 181 -13.35 14.26 -17.17
N GLY A 182 -13.64 15.55 -17.10
CA GLY A 182 -13.82 16.37 -18.29
C GLY A 182 -12.57 17.14 -18.67
N VAL A 183 -12.36 17.32 -19.98
CA VAL A 183 -11.20 18.05 -20.51
C VAL A 183 -11.19 19.53 -20.07
N THR A 184 -12.39 20.13 -19.94
CA THR A 184 -12.62 21.50 -19.46
C THR A 184 -13.66 21.46 -18.34
N LYS A 185 -13.76 22.53 -17.52
CA LYS A 185 -14.78 22.61 -16.46
C LYS A 185 -16.19 22.54 -17.08
N ALA A 186 -16.33 22.93 -18.38
CA ALA A 186 -17.56 22.88 -19.16
C ALA A 186 -17.91 21.42 -19.43
N CYS A 187 -16.91 20.61 -19.89
CA CYS A 187 -17.02 19.17 -20.16
C CYS A 187 -17.51 18.45 -18.90
N ILE A 188 -17.01 18.84 -17.70
CA ILE A 188 -17.44 18.29 -16.41
C ILE A 188 -18.98 18.50 -16.23
N GLU A 189 -19.47 19.73 -16.50
CA GLU A 189 -20.89 20.06 -16.38
C GLU A 189 -21.74 19.32 -17.39
N ALA A 190 -21.25 19.16 -18.64
CA ALA A 190 -21.93 18.43 -19.70
C ALA A 190 -22.13 16.95 -19.31
N GLY A 191 -21.08 16.33 -18.77
CA GLY A 191 -21.09 14.93 -18.34
C GLY A 191 -21.93 14.72 -17.09
N LYS A 192 -21.99 15.74 -16.20
CA LYS A 192 -22.78 15.72 -14.98
C LYS A 192 -24.26 15.76 -15.36
N ARG A 193 -24.58 16.54 -16.41
CA ARG A 193 -25.91 16.71 -16.98
C ARG A 193 -26.42 15.33 -17.46
N VAL A 194 -25.54 14.55 -18.14
CA VAL A 194 -25.83 13.24 -18.75
C VAL A 194 -26.11 12.13 -17.70
N TYR A 195 -25.23 11.96 -16.74
CA TYR A 195 -25.40 10.92 -15.73
C TYR A 195 -26.47 11.22 -14.66
N ARG A 196 -26.84 12.50 -14.50
CA ARG A 196 -27.86 12.99 -13.58
C ARG A 196 -29.24 12.38 -13.93
N THR A 197 -29.45 11.88 -15.19
CA THR A 197 -30.72 11.23 -15.56
C THR A 197 -31.05 10.02 -14.68
N PHE A 198 -30.03 9.27 -14.19
CA PHE A 198 -30.26 8.11 -13.32
C PHE A 198 -29.30 7.91 -12.15
N VAL A 199 -28.15 8.61 -12.15
CA VAL A 199 -27.18 8.43 -11.07
C VAL A 199 -27.60 9.05 -9.76
N GLN A 200 -27.94 8.20 -8.78
CA GLN A 200 -28.30 8.62 -7.42
C GLN A 200 -27.00 8.84 -6.62
N GLY A 201 -25.91 8.18 -7.02
CA GLY A 201 -24.59 8.30 -6.42
C GLY A 201 -23.95 9.67 -6.64
N GLU A 202 -22.76 9.88 -6.04
CA GLU A 202 -22.03 11.15 -6.13
C GLU A 202 -21.32 11.30 -7.48
N MET A 203 -21.27 12.55 -8.01
CA MET A 203 -20.59 12.92 -9.26
C MET A 203 -19.29 13.56 -8.85
N ILE A 204 -18.21 12.77 -8.80
CA ILE A 204 -16.89 13.29 -8.41
C ILE A 204 -16.24 14.07 -9.58
N GLU A 205 -16.19 15.39 -9.45
CA GLU A 205 -15.67 16.30 -10.46
C GLU A 205 -14.14 16.30 -10.48
N THR A 206 -13.54 16.17 -11.68
CA THR A 206 -12.09 16.18 -11.95
C THR A 206 -11.82 16.38 -13.46
N ASP A 207 -10.54 16.51 -13.88
CA ASP A 207 -10.18 16.62 -15.30
C ASP A 207 -9.86 15.22 -15.88
N ALA A 208 -9.95 15.05 -17.21
CA ALA A 208 -9.68 13.79 -17.91
C ALA A 208 -8.42 13.04 -17.39
N ARG A 209 -7.21 13.66 -17.45
CA ARG A 209 -5.97 13.05 -16.99
C ARG A 209 -5.96 12.53 -15.54
N THR A 210 -6.59 13.27 -14.61
CA THR A 210 -6.72 12.81 -13.23
C THR A 210 -7.67 11.59 -13.15
N ALA A 211 -8.81 11.62 -13.84
CA ALA A 211 -9.77 10.54 -13.84
C ALA A 211 -9.16 9.25 -14.41
N GLU A 212 -8.29 9.38 -15.46
CA GLU A 212 -7.54 8.28 -16.08
C GLU A 212 -6.50 7.75 -15.13
N MET A 213 -5.62 8.62 -14.59
CA MET A 213 -4.53 8.23 -13.69
C MET A 213 -5.06 7.63 -12.38
N SER A 214 -6.04 8.30 -11.75
CA SER A 214 -6.73 7.87 -10.52
C SER A 214 -7.32 6.49 -10.63
N LYS A 215 -8.07 6.19 -11.72
CA LYS A 215 -8.72 4.89 -11.84
C LYS A 215 -7.72 3.77 -11.92
N LEU A 216 -6.65 4.01 -12.63
CA LEU A 216 -5.59 3.04 -12.82
C LEU A 216 -4.74 2.89 -11.57
N MET A 217 -4.69 3.96 -10.76
CA MET A 217 -4.04 3.97 -9.45
C MET A 217 -4.73 3.11 -8.42
N GLU A 218 -6.08 3.07 -8.47
CA GLU A 218 -6.90 2.26 -7.57
C GLU A 218 -6.52 0.81 -7.69
N ASN A 219 -6.32 0.30 -8.94
CA ASN A 219 -5.92 -1.10 -9.21
C ASN A 219 -4.43 -1.33 -8.99
N THR A 220 -3.60 -0.26 -9.13
CA THR A 220 -2.16 -0.34 -8.88
C THR A 220 -1.91 -0.44 -7.37
N TYR A 221 -2.52 0.43 -6.53
CA TYR A 221 -2.40 0.32 -5.07
C TYR A 221 -2.69 -1.13 -4.62
N ARG A 222 -3.80 -1.72 -5.13
CA ARG A 222 -4.28 -3.06 -4.84
C ARG A 222 -3.25 -4.13 -5.22
N ASP A 223 -2.74 -4.10 -6.48
CA ASP A 223 -1.81 -5.06 -7.05
C ASP A 223 -0.44 -5.08 -6.31
N VAL A 224 0.13 -3.90 -6.08
CA VAL A 224 1.38 -3.69 -5.36
C VAL A 224 1.23 -4.18 -3.92
N ASN A 225 0.08 -3.89 -3.28
CA ASN A 225 -0.22 -4.28 -1.91
C ASN A 225 -0.51 -5.75 -1.74
N ILE A 226 -0.94 -6.43 -2.81
CA ILE A 226 -1.12 -7.88 -2.82
C ILE A 226 0.26 -8.50 -3.04
N ALA A 227 1.10 -7.87 -3.93
CA ALA A 227 2.49 -8.28 -4.24
C ALA A 227 3.31 -8.26 -2.98
N LEU A 228 3.09 -7.27 -2.09
CA LEU A 228 3.75 -7.20 -0.78
C LEU A 228 3.36 -8.39 0.10
N ALA A 229 2.05 -8.69 0.23
CA ALA A 229 1.54 -9.79 1.06
C ALA A 229 2.04 -11.15 0.57
N ASN A 230 2.17 -11.31 -0.77
CA ASN A 230 2.63 -12.53 -1.43
C ASN A 230 4.10 -12.72 -1.17
N GLU A 231 4.89 -11.63 -1.32
CA GLU A 231 6.34 -11.59 -1.04
C GLU A 231 6.61 -11.88 0.43
N LEU A 232 5.78 -11.34 1.34
CA LEU A 232 5.91 -11.59 2.77
C LEU A 232 5.71 -13.04 3.11
N THR A 233 4.75 -13.69 2.44
CA THR A 233 4.44 -15.11 2.58
C THR A 233 5.66 -15.94 2.21
N LYS A 234 6.35 -15.57 1.12
CA LYS A 234 7.55 -16.27 0.70
C LYS A 234 8.61 -16.11 1.79
N ILE A 235 8.79 -14.88 2.34
CA ILE A 235 9.78 -14.58 3.41
C ILE A 235 9.43 -15.29 4.72
N CYS A 236 8.16 -15.19 5.16
CA CYS A 236 7.65 -15.78 6.40
C CYS A 236 7.78 -17.29 6.42
N ASN A 237 7.47 -17.96 5.29
CA ASN A 237 7.55 -19.42 5.21
C ASN A 237 8.98 -19.93 5.37
N ASN A 238 9.97 -19.17 4.86
CA ASN A 238 11.40 -19.48 4.97
C ASN A 238 11.92 -19.20 6.37
N LEU A 239 11.21 -18.36 7.13
CA LEU A 239 11.57 -17.95 8.50
C LEU A 239 10.76 -18.65 9.56
N ASN A 240 9.85 -19.55 9.16
CA ASN A 240 8.96 -20.30 10.05
C ASN A 240 8.07 -19.41 10.91
N ILE A 241 7.54 -18.33 10.25
CA ILE A 241 6.65 -17.32 10.82
C ILE A 241 5.28 -17.43 10.10
N ASN A 242 4.15 -17.29 10.83
CA ASN A 242 2.82 -17.33 10.25
C ASN A 242 2.47 -15.94 9.65
N VAL A 243 2.55 -15.80 8.30
CA VAL A 243 2.26 -14.56 7.60
C VAL A 243 0.86 -13.99 7.96
N LEU A 244 -0.15 -14.87 8.04
CA LEU A 244 -1.54 -14.47 8.32
C LEU A 244 -1.74 -13.86 9.70
N ASP A 245 -1.08 -14.45 10.72
CA ASP A 245 -1.09 -13.96 12.10
C ASP A 245 -0.35 -12.62 12.16
N VAL A 246 0.79 -12.52 11.43
CA VAL A 246 1.60 -11.31 11.34
C VAL A 246 0.78 -10.16 10.72
N ILE A 247 0.09 -10.39 9.55
CA ILE A 247 -0.76 -9.39 8.87
C ILE A 247 -1.84 -8.84 9.83
N GLU A 248 -2.53 -9.74 10.59
CA GLU A 248 -3.57 -9.39 11.55
C GLU A 248 -3.05 -8.48 12.67
N MET A 249 -1.82 -8.76 13.17
CA MET A 249 -1.14 -8.00 14.22
C MET A 249 -0.80 -6.61 13.77
N ALA A 250 -0.02 -6.50 12.68
CA ALA A 250 0.44 -5.26 12.09
C ALA A 250 -0.71 -4.38 11.64
N ASN A 251 -1.84 -4.98 11.16
CA ASN A 251 -3.01 -4.24 10.71
C ASN A 251 -3.82 -3.55 11.83
N LYS A 252 -3.49 -3.87 13.10
CA LYS A 252 -4.04 -3.28 14.30
C LYS A 252 -3.61 -1.82 14.35
N HIS A 253 -2.52 -1.47 13.66
CA HIS A 253 -2.06 -0.09 13.52
C HIS A 253 -3.04 0.63 12.55
N PRO A 254 -3.53 1.84 12.90
CA PRO A 254 -4.52 2.51 12.03
C PRO A 254 -4.00 2.91 10.65
N ARG A 255 -2.69 3.21 10.57
CA ARG A 255 -2.00 3.65 9.36
C ARG A 255 -1.44 2.49 8.48
N VAL A 256 -1.67 1.21 8.90
CA VAL A 256 -1.20 -0.03 8.27
C VAL A 256 -2.41 -0.90 7.83
N ASN A 257 -2.47 -1.20 6.54
CA ASN A 257 -3.58 -1.91 5.88
C ASN A 257 -3.04 -2.99 4.88
N ILE A 258 -2.11 -3.88 5.37
CA ILE A 258 -1.49 -4.96 4.61
C ILE A 258 -2.60 -5.82 4.04
N HIS A 259 -2.48 -6.15 2.75
CA HIS A 259 -3.46 -6.96 2.00
C HIS A 259 -3.25 -8.44 2.25
N GLN A 260 -4.10 -9.28 1.67
CA GLN A 260 -3.99 -10.71 1.90
C GLN A 260 -3.24 -11.40 0.78
N PRO A 261 -2.46 -12.48 1.12
CA PRO A 261 -1.83 -13.27 0.05
C PRO A 261 -2.88 -14.10 -0.70
N GLY A 262 -2.46 -14.74 -1.77
CA GLY A 262 -3.34 -15.57 -2.56
C GLY A 262 -2.61 -16.41 -3.56
N PRO A 263 -3.35 -17.10 -4.43
CA PRO A 263 -2.70 -17.93 -5.46
C PRO A 263 -2.20 -17.14 -6.68
N GLY A 264 -2.38 -15.82 -6.65
CA GLY A 264 -1.99 -14.86 -7.69
C GLY A 264 -3.03 -13.77 -7.81
N VAL A 265 -2.87 -12.94 -8.83
CA VAL A 265 -3.76 -11.82 -9.12
C VAL A 265 -4.24 -12.00 -10.54
N GLY A 266 -5.50 -12.35 -10.65
CA GLY A 266 -6.17 -12.55 -11.92
C GLY A 266 -6.96 -11.31 -12.21
N GLY A 267 -8.28 -11.45 -12.19
CA GLY A 267 -9.22 -10.37 -12.46
C GLY A 267 -9.09 -9.76 -13.83
N HIS A 268 -10.21 -9.24 -14.37
CA HIS A 268 -10.15 -8.57 -15.66
C HIS A 268 -9.33 -7.30 -15.42
N CYS A 269 -9.83 -6.37 -14.55
CA CYS A 269 -9.18 -5.12 -14.20
C CYS A 269 -7.84 -5.27 -13.47
N LEU A 270 -7.77 -6.08 -12.39
CA LEU A 270 -6.56 -6.21 -11.55
C LEU A 270 -5.22 -6.52 -12.21
N ALA A 271 -5.23 -7.27 -13.32
CA ALA A 271 -4.01 -7.59 -14.06
C ALA A 271 -3.88 -6.70 -15.31
N VAL A 272 -5.01 -6.16 -15.84
CA VAL A 272 -5.07 -5.30 -17.02
C VAL A 272 -4.49 -3.89 -16.70
N ASP A 273 -5.14 -3.20 -15.75
CA ASP A 273 -4.91 -1.83 -15.29
C ASP A 273 -3.49 -1.40 -14.91
N PRO A 274 -2.72 -2.10 -14.03
CA PRO A 274 -1.34 -1.66 -13.73
C PRO A 274 -0.41 -1.60 -14.93
N TYR A 275 -0.72 -2.32 -16.00
CA TYR A 275 0.07 -2.33 -17.24
C TYR A 275 -0.21 -1.09 -18.11
N PHE A 276 -1.37 -0.44 -17.93
CA PHE A 276 -1.71 0.77 -18.68
C PHE A 276 -0.83 1.93 -18.22
N ILE A 277 -0.39 1.90 -16.93
CA ILE A 277 0.52 2.89 -16.28
C ILE A 277 1.93 2.62 -16.71
N ILE A 278 2.42 1.35 -16.59
CA ILE A 278 3.79 0.94 -16.96
C ILE A 278 4.12 1.43 -18.34
N ALA A 279 3.31 1.06 -19.36
CA ALA A 279 3.54 1.39 -20.77
C ALA A 279 3.70 2.89 -21.10
N LYS A 280 3.18 3.77 -20.22
CA LYS A 280 3.28 5.22 -20.38
C LYS A 280 4.65 5.78 -19.98
N ASP A 281 5.36 5.10 -19.07
CA ASP A 281 6.72 5.46 -18.61
C ASP A 281 7.36 4.18 -18.04
N PRO A 282 7.75 3.21 -18.93
CA PRO A 282 8.25 1.91 -18.45
C PRO A 282 9.47 1.92 -17.54
N GLU A 283 10.45 2.81 -17.82
CA GLU A 283 11.68 2.90 -17.04
C GLU A 283 11.44 3.34 -15.60
N ASN A 284 10.38 4.13 -15.37
CA ASN A 284 10.03 4.61 -14.04
C ASN A 284 9.16 3.69 -13.23
N ALA A 285 8.33 2.87 -13.87
CA ALA A 285 7.45 1.96 -13.16
C ALA A 285 8.08 0.65 -12.70
N LYS A 286 9.24 0.70 -12.03
CA LYS A 286 9.95 -0.46 -11.48
C LYS A 286 9.13 -1.18 -10.44
N LEU A 287 8.50 -0.44 -9.49
CA LEU A 287 7.67 -1.01 -8.42
C LEU A 287 6.43 -1.69 -8.95
N ILE A 288 5.72 -1.06 -9.90
CA ILE A 288 4.54 -1.65 -10.56
C ILE A 288 4.93 -2.91 -11.34
N GLN A 289 6.06 -2.88 -12.05
CA GLN A 289 6.57 -4.05 -12.80
C GLN A 289 6.89 -5.18 -11.86
N THR A 290 7.68 -4.89 -10.80
CA THR A 290 8.07 -5.86 -9.77
C THR A 290 6.81 -6.48 -9.16
N GLY A 291 5.84 -5.62 -8.87
CA GLY A 291 4.54 -5.98 -8.31
C GLY A 291 3.84 -7.02 -9.16
N ARG A 292 3.85 -6.80 -10.48
CA ARG A 292 3.29 -7.66 -11.51
C ARG A 292 4.03 -8.99 -11.59
N GLU A 293 5.37 -8.98 -11.63
CA GLU A 293 6.20 -10.20 -11.65
C GLU A 293 5.91 -11.12 -10.46
N ILE A 294 5.89 -10.55 -9.21
CA ILE A 294 5.60 -11.28 -7.96
C ILE A 294 4.22 -11.95 -8.02
N ASN A 295 3.17 -11.18 -8.38
CA ASN A 295 1.80 -11.70 -8.53
C ASN A 295 1.69 -12.78 -9.63
N ASN A 296 2.49 -12.62 -10.72
CA ASN A 296 2.56 -13.56 -11.84
C ASN A 296 3.27 -14.87 -11.48
N SER A 297 4.13 -14.84 -10.44
CA SER A 297 4.90 -15.99 -9.94
C SER A 297 4.13 -16.86 -8.95
N MET A 298 3.03 -16.34 -8.35
CA MET A 298 2.26 -17.08 -7.36
C MET A 298 1.73 -18.46 -7.85
N PRO A 299 1.18 -18.61 -9.11
CA PRO A 299 0.80 -19.96 -9.58
C PRO A 299 1.98 -20.95 -9.53
N ALA A 300 3.18 -20.53 -9.99
CA ALA A 300 4.39 -21.35 -9.92
C ALA A 300 4.80 -21.67 -8.47
N TYR A 301 4.74 -20.67 -7.53
CA TYR A 301 5.06 -20.85 -6.09
C TYR A 301 4.18 -21.95 -5.49
N VAL A 302 2.86 -21.90 -5.80
CA VAL A 302 1.84 -22.86 -5.37
C VAL A 302 2.10 -24.25 -5.99
N VAL A 303 2.43 -24.31 -7.29
CA VAL A 303 2.74 -25.56 -7.99
C VAL A 303 3.96 -26.23 -7.35
N ASP A 304 5.05 -25.45 -7.11
CA ASP A 304 6.27 -25.95 -6.47
C ASP A 304 6.01 -26.49 -5.08
N THR A 305 5.17 -25.78 -4.30
CA THR A 305 4.75 -26.19 -2.96
C THR A 305 3.92 -27.50 -3.04
N THR A 306 2.96 -27.55 -3.99
CA THR A 306 2.14 -28.74 -4.26
C THR A 306 3.06 -29.94 -4.57
N LYS A 307 4.07 -29.71 -5.46
CA LYS A 307 5.07 -30.73 -5.82
C LYS A 307 5.80 -31.25 -4.57
N GLN A 308 6.21 -30.34 -3.65
CA GLN A 308 6.90 -30.66 -2.39
C GLN A 308 6.04 -31.59 -1.53
N ILE A 309 4.74 -31.26 -1.36
CA ILE A 309 3.76 -31.99 -0.54
C ILE A 309 3.58 -33.46 -1.01
N ILE A 310 3.38 -33.66 -2.33
CA ILE A 310 3.18 -34.98 -2.96
C ILE A 310 4.46 -35.88 -3.00
N LYS A 311 5.65 -35.26 -2.82
CA LYS A 311 6.91 -36.00 -2.78
C LYS A 311 7.05 -36.69 -1.41
N ALA A 312 6.65 -35.99 -0.33
CA ALA A 312 6.74 -36.47 1.06
C ALA A 312 5.71 -37.56 1.37
N LEU A 313 4.54 -37.49 0.70
CA LEU A 313 3.43 -38.44 0.85
C LEU A 313 3.52 -39.53 -0.22
N SER A 314 2.75 -40.61 -0.05
CA SER A 314 2.73 -41.68 -1.03
C SER A 314 1.96 -41.29 -2.30
N GLY A 315 0.67 -40.99 -2.19
CA GLY A 315 -0.20 -40.66 -3.33
C GLY A 315 0.30 -39.64 -4.36
N ASN A 316 -0.32 -39.70 -5.56
CA ASN A 316 0.01 -38.84 -6.72
C ASN A 316 -1.10 -37.80 -7.00
N LYS A 317 -2.37 -38.19 -6.78
CA LYS A 317 -3.57 -37.38 -6.97
C LYS A 317 -3.65 -36.17 -6.07
N VAL A 318 -4.08 -35.04 -6.66
CA VAL A 318 -4.30 -33.75 -6.00
C VAL A 318 -5.58 -33.16 -6.54
N THR A 319 -6.49 -32.76 -5.65
CA THR A 319 -7.76 -32.16 -6.06
C THR A 319 -7.80 -30.67 -5.85
N VAL A 320 -7.92 -29.92 -6.96
CA VAL A 320 -8.03 -28.48 -6.94
C VAL A 320 -9.45 -28.14 -6.56
N PHE A 321 -9.58 -27.20 -5.63
CA PHE A 321 -10.85 -26.72 -5.13
C PHE A 321 -10.96 -25.24 -5.51
N GLY A 322 -11.63 -24.98 -6.63
CA GLY A 322 -11.81 -23.63 -7.14
C GLY A 322 -11.00 -23.37 -8.40
N LEU A 323 -11.67 -22.92 -9.45
CA LEU A 323 -11.05 -22.61 -10.74
C LEU A 323 -11.26 -21.15 -11.14
N THR A 324 -12.08 -20.43 -10.37
CA THR A 324 -12.42 -19.02 -10.60
C THR A 324 -11.45 -18.02 -9.95
N TYR A 325 -11.39 -16.80 -10.53
CA TYR A 325 -10.54 -15.71 -10.05
C TYR A 325 -11.02 -15.13 -8.72
N LYS A 326 -12.35 -15.15 -8.50
CA LYS A 326 -13.06 -14.61 -7.36
C LYS A 326 -13.96 -15.71 -6.74
N GLY A 327 -14.33 -15.52 -5.47
CA GLY A 327 -15.22 -16.43 -4.75
C GLY A 327 -16.67 -16.14 -5.10
N ASP A 328 -17.49 -17.21 -5.13
CA ASP A 328 -18.93 -17.21 -5.44
C ASP A 328 -19.33 -16.67 -6.82
N VAL A 329 -18.42 -16.80 -7.79
CA VAL A 329 -18.64 -16.43 -9.21
C VAL A 329 -18.35 -17.66 -10.09
N ASP A 330 -19.05 -17.76 -11.24
CA ASP A 330 -18.87 -18.85 -12.19
C ASP A 330 -17.91 -18.42 -13.31
N ASP A 331 -17.18 -17.30 -13.10
CA ASP A 331 -16.26 -16.68 -14.06
C ASP A 331 -14.78 -17.10 -13.93
N ILE A 332 -14.21 -17.66 -15.02
CA ILE A 332 -12.79 -18.03 -15.05
C ILE A 332 -12.07 -17.00 -15.93
N ARG A 333 -11.67 -17.37 -17.19
CA ARG A 333 -10.97 -16.55 -18.19
C ARG A 333 -9.77 -15.69 -17.73
N GLU A 334 -9.87 -15.10 -16.54
CA GLU A 334 -8.91 -14.23 -15.87
C GLU A 334 -8.53 -14.81 -14.48
N SER A 335 -8.31 -16.13 -14.39
CA SER A 335 -8.06 -16.77 -13.11
C SER A 335 -6.69 -17.42 -12.85
N PRO A 336 -6.05 -17.09 -11.70
CA PRO A 336 -4.79 -17.77 -11.32
C PRO A 336 -5.04 -19.24 -10.92
N ALA A 337 -6.26 -19.53 -10.42
CA ALA A 337 -6.72 -20.85 -9.99
C ALA A 337 -6.72 -21.81 -11.19
N PHE A 338 -7.19 -21.32 -12.36
CA PHE A 338 -7.15 -22.12 -13.59
C PHE A 338 -5.71 -22.35 -14.03
N ASP A 339 -4.89 -21.29 -14.02
CA ASP A 339 -3.48 -21.34 -14.38
C ASP A 339 -2.73 -22.42 -13.58
N ILE A 340 -3.06 -22.58 -12.27
CA ILE A 340 -2.46 -23.61 -11.40
C ILE A 340 -2.87 -25.00 -11.88
N TYR A 341 -4.18 -25.21 -12.11
CA TYR A 341 -4.75 -26.48 -12.61
C TYR A 341 -4.10 -26.90 -13.89
N GLU A 342 -4.03 -25.98 -14.87
CA GLU A 342 -3.41 -26.18 -16.17
C GLU A 342 -1.98 -26.67 -15.98
N LEU A 343 -1.18 -25.99 -15.13
CA LEU A 343 0.21 -26.34 -14.79
C LEU A 343 0.33 -27.70 -14.10
N LEU A 344 -0.50 -27.93 -13.08
CA LEU A 344 -0.51 -29.18 -12.35
C LEU A 344 -0.81 -30.39 -13.27
N ASN A 345 -1.73 -30.19 -14.24
CA ASN A 345 -2.10 -31.18 -15.25
C ASN A 345 -0.85 -31.53 -16.07
N GLN A 346 -0.21 -30.49 -16.69
CA GLN A 346 1.02 -30.58 -17.49
C GLN A 346 2.16 -31.33 -16.80
N GLU A 347 2.22 -31.26 -15.45
CA GLU A 347 3.23 -31.95 -14.65
C GLU A 347 2.96 -33.45 -14.78
N PRO A 348 3.95 -34.22 -15.28
CA PRO A 348 3.72 -35.66 -15.51
C PRO A 348 3.59 -36.49 -14.24
N ASP A 349 4.39 -36.16 -13.20
CA ASP A 349 4.42 -36.86 -11.91
C ASP A 349 3.21 -36.52 -11.01
N ILE A 350 2.24 -35.72 -11.52
CA ILE A 350 1.06 -35.26 -10.79
C ILE A 350 -0.27 -35.62 -11.48
N GLU A 351 -1.19 -36.23 -10.70
CA GLU A 351 -2.54 -36.60 -11.14
C GLU A 351 -3.45 -35.47 -10.67
N VAL A 352 -4.13 -34.78 -11.61
CA VAL A 352 -4.98 -33.64 -11.28
C VAL A 352 -6.47 -33.88 -11.39
N CYS A 353 -7.20 -33.47 -10.35
CA CYS A 353 -8.63 -33.62 -10.31
C CYS A 353 -9.30 -32.31 -10.06
N ALA A 354 -10.27 -31.98 -10.89
CA ALA A 354 -11.01 -30.75 -10.76
C ALA A 354 -12.16 -30.91 -9.77
N TYR A 355 -12.67 -29.77 -9.27
CA TYR A 355 -13.83 -29.60 -8.40
C TYR A 355 -14.16 -28.13 -8.26
N ASP A 356 -15.33 -27.73 -8.78
CA ASP A 356 -15.83 -26.35 -8.74
C ASP A 356 -17.36 -26.35 -8.89
N PRO A 357 -18.12 -25.94 -7.84
CA PRO A 357 -19.59 -25.98 -7.93
C PRO A 357 -20.23 -24.88 -8.77
N HIS A 358 -19.51 -23.76 -8.99
CA HIS A 358 -20.03 -22.60 -9.68
C HIS A 358 -20.06 -22.65 -11.19
N VAL A 359 -18.90 -22.96 -11.82
CA VAL A 359 -18.84 -23.04 -13.28
C VAL A 359 -19.18 -24.45 -13.77
N GLU A 360 -19.87 -24.51 -14.92
CA GLU A 360 -20.27 -25.77 -15.54
C GLU A 360 -19.29 -26.09 -16.66
N LEU A 361 -18.53 -27.19 -16.52
CA LEU A 361 -17.54 -27.65 -17.52
C LEU A 361 -17.35 -29.16 -17.48
N ASP A 362 -16.96 -29.73 -18.63
CA ASP A 362 -16.76 -31.15 -18.89
C ASP A 362 -15.69 -31.84 -18.02
N PHE A 363 -14.48 -31.25 -17.92
CA PHE A 363 -13.38 -31.82 -17.11
C PHE A 363 -13.52 -31.58 -15.60
N VAL A 364 -14.54 -30.80 -15.19
CA VAL A 364 -14.82 -30.40 -13.81
C VAL A 364 -15.75 -31.41 -13.13
N GLU A 365 -15.29 -32.01 -12.01
CA GLU A 365 -16.08 -32.97 -11.23
C GLU A 365 -17.04 -32.21 -10.30
N HIS A 366 -18.31 -32.65 -10.19
CA HIS A 366 -19.26 -31.94 -9.34
C HIS A 366 -19.69 -32.69 -8.06
N ASP A 367 -19.24 -33.95 -7.91
CA ASP A 367 -19.47 -34.77 -6.72
C ASP A 367 -18.16 -34.81 -5.94
N MET A 368 -18.08 -33.98 -4.88
CA MET A 368 -16.91 -33.77 -4.02
C MET A 368 -16.17 -35.02 -3.59
N SER A 369 -16.91 -36.10 -3.29
CA SER A 369 -16.36 -37.37 -2.83
C SER A 369 -15.54 -38.11 -3.88
N HIS A 370 -15.97 -38.08 -5.16
CA HIS A 370 -15.26 -38.75 -6.26
C HIS A 370 -13.99 -37.98 -6.63
N ALA A 371 -14.03 -36.65 -6.52
CA ALA A 371 -12.91 -35.76 -6.78
C ALA A 371 -11.80 -35.98 -5.73
N VAL A 372 -12.19 -36.07 -4.43
CA VAL A 372 -11.27 -36.30 -3.32
C VAL A 372 -10.82 -37.78 -3.17
N LYS A 373 -11.53 -38.73 -3.84
CA LYS A 373 -11.27 -40.18 -3.82
C LYS A 373 -9.82 -40.48 -4.19
N ASP A 374 -9.03 -41.07 -3.25
CA ASP A 374 -7.61 -41.44 -3.36
C ASP A 374 -6.62 -40.26 -3.59
N ALA A 375 -7.10 -39.00 -3.42
CA ALA A 375 -6.29 -37.80 -3.56
C ALA A 375 -5.39 -37.63 -2.35
N SER A 376 -4.12 -37.27 -2.57
CA SER A 376 -3.16 -37.03 -1.50
C SER A 376 -2.99 -35.54 -1.09
N LEU A 377 -3.84 -34.64 -1.66
CA LEU A 377 -3.90 -33.18 -1.38
C LEU A 377 -5.15 -32.50 -1.97
N VAL A 378 -5.72 -31.56 -1.21
CA VAL A 378 -6.80 -30.68 -1.61
C VAL A 378 -6.16 -29.29 -1.67
N LEU A 379 -6.00 -28.77 -2.88
CA LEU A 379 -5.40 -27.47 -3.15
C LEU A 379 -6.53 -26.45 -3.35
N ILE A 380 -7.01 -25.82 -2.26
CA ILE A 380 -8.06 -24.78 -2.34
C ILE A 380 -7.49 -23.50 -2.99
N LEU A 381 -8.08 -23.08 -4.12
CA LEU A 381 -7.62 -21.94 -4.91
C LEU A 381 -8.62 -20.79 -5.04
N SER A 382 -9.90 -21.00 -4.71
CA SER A 382 -10.90 -19.94 -4.79
C SER A 382 -11.60 -19.84 -3.45
N ASP A 383 -12.01 -18.62 -3.07
CA ASP A 383 -12.67 -18.40 -1.79
C ASP A 383 -14.21 -18.52 -1.88
N HIS A 384 -14.69 -19.70 -2.35
CA HIS A 384 -16.10 -20.03 -2.47
C HIS A 384 -16.69 -20.24 -1.08
N SER A 385 -17.87 -19.62 -0.81
CA SER A 385 -18.56 -19.70 0.47
C SER A 385 -18.78 -21.13 0.95
N GLU A 386 -18.93 -22.09 0.00
CA GLU A 386 -19.10 -23.52 0.28
C GLU A 386 -17.88 -24.15 0.94
N PHE A 387 -16.70 -23.51 0.77
CA PHE A 387 -15.45 -23.99 1.36
C PHE A 387 -15.21 -23.49 2.81
N LYS A 388 -15.94 -22.43 3.24
CA LYS A 388 -15.84 -21.83 4.59
C LYS A 388 -16.07 -22.84 5.70
N ASN A 389 -17.05 -23.75 5.50
CA ASN A 389 -17.43 -24.82 6.42
C ASN A 389 -17.20 -26.16 5.74
N LEU A 390 -16.20 -26.91 6.23
CA LEU A 390 -15.82 -28.23 5.73
C LEU A 390 -15.38 -29.08 6.91
N SER A 391 -15.89 -30.31 7.01
CA SER A 391 -15.57 -31.25 8.08
C SER A 391 -14.69 -32.39 7.55
N ASP A 392 -14.17 -33.26 8.45
CA ASP A 392 -13.32 -34.41 8.10
C ASP A 392 -14.06 -35.43 7.22
N SER A 393 -15.43 -35.43 7.28
CA SER A 393 -16.33 -36.31 6.53
C SER A 393 -16.24 -36.09 5.02
N HIS A 394 -16.10 -34.82 4.57
CA HIS A 394 -15.97 -34.44 3.16
C HIS A 394 -14.71 -35.07 2.53
N PHE A 395 -13.63 -35.15 3.34
CA PHE A 395 -12.30 -35.63 2.95
C PHE A 395 -11.99 -37.09 3.34
N ASP A 396 -13.03 -37.88 3.69
CA ASP A 396 -12.90 -39.29 4.07
C ASP A 396 -12.42 -40.18 2.93
N LYS A 397 -12.80 -39.85 1.70
CA LYS A 397 -12.46 -40.62 0.50
C LYS A 397 -10.98 -40.51 0.08
N MET A 398 -10.26 -39.52 0.63
CA MET A 398 -8.85 -39.25 0.34
C MET A 398 -7.88 -40.34 0.76
N LYS A 399 -6.73 -40.41 0.07
CA LYS A 399 -5.63 -41.32 0.37
C LYS A 399 -4.93 -40.80 1.65
N HIS A 400 -4.58 -39.48 1.66
CA HIS A 400 -3.99 -38.76 2.80
C HIS A 400 -4.85 -37.53 3.03
N LYS A 401 -5.52 -37.45 4.19
CA LYS A 401 -6.39 -36.31 4.51
C LYS A 401 -5.54 -35.04 4.81
N VAL A 402 -5.24 -34.24 3.76
CA VAL A 402 -4.46 -33.01 3.88
C VAL A 402 -4.90 -31.92 2.90
N ILE A 403 -5.19 -30.74 3.44
CA ILE A 403 -5.62 -29.55 2.70
C ILE A 403 -4.53 -28.47 2.68
N PHE A 404 -4.27 -27.88 1.51
CA PHE A 404 -3.39 -26.71 1.38
C PHE A 404 -4.22 -25.55 0.83
N ASP A 405 -4.74 -24.75 1.75
CA ASP A 405 -5.58 -23.60 1.43
C ASP A 405 -4.72 -22.38 1.15
N THR A 406 -4.88 -21.79 -0.05
CA THR A 406 -4.14 -20.60 -0.49
C THR A 406 -4.97 -19.30 -0.26
N LYS A 407 -6.31 -19.45 -0.12
CA LYS A 407 -7.21 -18.32 0.08
C LYS A 407 -7.68 -18.11 1.52
N ASN A 408 -7.25 -19.00 2.45
CA ASN A 408 -7.58 -19.01 3.87
C ASN A 408 -9.10 -18.85 4.08
N VAL A 409 -9.84 -19.71 3.36
CA VAL A 409 -11.29 -19.71 3.35
C VAL A 409 -11.89 -20.64 4.42
N VAL A 410 -11.21 -21.77 4.67
CA VAL A 410 -11.60 -22.76 5.67
C VAL A 410 -11.58 -22.16 7.07
N LYS A 411 -12.75 -22.00 7.66
CA LYS A 411 -12.87 -21.45 9.00
C LYS A 411 -13.15 -22.56 10.03
N SER A 412 -13.73 -23.70 9.59
CA SER A 412 -14.07 -24.86 10.42
C SER A 412 -12.86 -25.61 11.04
N SER A 413 -13.14 -26.53 12.00
CA SER A 413 -12.14 -27.31 12.74
C SER A 413 -11.96 -28.77 12.25
N PHE A 414 -10.69 -29.26 12.24
CA PHE A 414 -10.31 -30.62 11.80
C PHE A 414 -9.61 -31.49 12.88
N GLU A 415 -9.88 -32.83 12.86
CA GLU A 415 -9.32 -33.82 13.82
C GLU A 415 -8.36 -34.78 13.11
N ASP A 416 -8.83 -35.45 12.04
CA ASP A 416 -8.03 -36.41 11.27
C ASP A 416 -7.34 -35.73 10.08
N VAL A 417 -7.92 -34.62 9.57
CA VAL A 417 -7.40 -33.84 8.44
C VAL A 417 -6.29 -32.87 8.87
N LEU A 418 -5.19 -32.84 8.09
CA LEU A 418 -4.05 -31.95 8.30
C LEU A 418 -4.30 -30.67 7.47
N TYR A 419 -4.52 -29.53 8.16
CA TYR A 419 -4.81 -28.25 7.50
C TYR A 419 -3.60 -27.31 7.42
N TYR A 420 -3.28 -26.86 6.18
CA TYR A 420 -2.19 -25.94 5.91
C TYR A 420 -2.65 -24.66 5.20
N ASN A 421 -2.27 -23.53 5.78
CA ASN A 421 -2.52 -22.16 5.31
C ASN A 421 -1.24 -21.71 4.60
N TYR A 422 -1.17 -20.41 4.28
CA TYR A 422 0.07 -19.82 3.79
C TYR A 422 0.93 -19.52 5.05
N GLY A 423 0.30 -19.60 6.23
CA GLY A 423 0.93 -19.40 7.53
C GLY A 423 1.31 -20.66 8.30
N ASN A 424 1.11 -21.86 7.72
CA ASN A 424 1.40 -23.15 8.38
C ASN A 424 2.27 -24.05 7.55
N ILE A 425 2.24 -23.87 6.22
CA ILE A 425 2.91 -24.73 5.25
C ILE A 425 4.36 -25.18 5.54
N PHE A 426 5.16 -24.34 6.24
CA PHE A 426 6.54 -24.65 6.67
C PHE A 426 6.60 -25.79 7.68
N ASN A 427 5.45 -26.10 8.34
CA ASN A 427 5.33 -27.18 9.30
C ASN A 427 5.31 -28.58 8.64
N PHE A 428 5.05 -28.64 7.32
CA PHE A 428 5.08 -29.86 6.50
C PHE A 428 6.47 -29.96 5.84
N ILE A 429 7.09 -28.79 5.53
CA ILE A 429 8.37 -28.66 4.80
C ILE A 429 9.29 -27.64 5.50
N SER B 12 10.12 -3.90 44.43
CA SER B 12 10.26 -4.12 42.99
C SER B 12 11.26 -3.16 42.29
N LYS B 13 12.33 -3.74 41.67
CA LYS B 13 13.40 -3.03 40.92
C LYS B 13 13.44 -3.39 39.41
N LEU B 14 13.36 -2.36 38.55
CA LEU B 14 13.39 -2.47 37.08
C LEU B 14 14.62 -1.72 36.52
N THR B 15 15.25 -2.26 35.45
CA THR B 15 16.40 -1.62 34.80
C THR B 15 16.15 -1.37 33.30
N VAL B 16 16.30 -0.12 32.88
CA VAL B 16 16.14 0.27 31.48
C VAL B 16 17.55 0.56 30.93
N VAL B 17 17.94 -0.17 29.90
CA VAL B 17 19.24 0.02 29.24
C VAL B 17 18.97 0.87 27.97
N GLY B 18 19.55 2.06 27.99
CA GLY B 18 19.45 3.05 26.93
C GLY B 18 18.40 4.07 27.26
N LEU B 19 18.82 5.32 27.48
CA LEU B 19 17.86 6.37 27.84
C LEU B 19 17.74 7.45 26.80
N GLY B 20 17.10 7.12 25.69
CA GLY B 20 16.85 8.05 24.62
C GLY B 20 15.38 8.33 24.47
N TYR B 21 14.93 8.62 23.26
CA TYR B 21 13.51 8.89 23.02
C TYR B 21 12.57 7.78 23.53
N ILE B 22 13.09 6.54 23.73
CA ILE B 22 12.32 5.38 24.21
C ILE B 22 12.57 5.14 25.69
N GLY B 23 13.83 4.85 26.02
CA GLY B 23 14.25 4.53 27.37
C GLY B 23 13.89 5.53 28.43
N LEU B 24 14.21 6.82 28.20
CA LEU B 24 13.93 7.90 29.15
C LEU B 24 12.45 7.98 29.49
N PRO B 25 11.50 8.15 28.51
CA PRO B 25 10.07 8.17 28.87
C PRO B 25 9.57 6.90 29.57
N THR B 26 10.11 5.72 29.21
CA THR B 26 9.75 4.43 29.81
C THR B 26 10.17 4.42 31.31
N SER B 27 11.37 4.96 31.63
CA SER B 27 11.90 5.09 33.00
C SER B 27 10.99 6.02 33.81
N ILE B 28 10.71 7.21 33.24
CA ILE B 28 9.85 8.24 33.83
C ILE B 28 8.44 7.67 34.10
N MET B 29 7.94 6.75 33.26
CA MET B 29 6.62 6.16 33.44
C MET B 29 6.53 5.17 34.57
N PHE B 30 7.51 4.26 34.69
CA PHE B 30 7.55 3.24 35.74
C PHE B 30 7.82 3.86 37.11
N ALA B 31 8.73 4.86 37.17
CA ALA B 31 9.10 5.59 38.39
C ALA B 31 7.90 6.41 38.91
N LYS B 32 7.08 6.98 37.97
CA LYS B 32 5.86 7.77 38.20
C LYS B 32 4.74 6.89 38.73
N HIS B 33 4.92 5.58 38.60
CA HIS B 33 3.99 4.53 39.02
C HIS B 33 4.51 3.69 40.18
N GLY B 34 5.52 4.24 40.89
CA GLY B 34 6.08 3.65 42.09
C GLY B 34 7.14 2.58 41.98
N VAL B 35 7.57 2.23 40.75
CA VAL B 35 8.62 1.22 40.57
C VAL B 35 9.98 1.90 40.79
N ASP B 36 10.89 1.16 41.43
CA ASP B 36 12.25 1.59 41.68
C ASP B 36 13.03 1.31 40.40
N VAL B 37 13.24 2.37 39.59
CA VAL B 37 13.90 2.21 38.30
C VAL B 37 15.37 2.67 38.27
N LEU B 38 16.18 1.90 37.57
CA LEU B 38 17.58 2.18 37.37
C LEU B 38 17.78 2.39 35.86
N GLY B 39 17.89 3.66 35.46
CA GLY B 39 18.16 4.02 34.08
C GLY B 39 19.64 3.85 33.76
N VAL B 40 19.95 3.21 32.63
CA VAL B 40 21.35 2.99 32.23
C VAL B 40 21.55 3.55 30.82
N ASP B 41 22.67 4.24 30.60
CA ASP B 41 23.05 4.80 29.32
C ASP B 41 24.54 4.70 29.18
N ILE B 42 25.04 4.61 27.94
CA ILE B 42 26.49 4.49 27.79
C ILE B 42 27.26 5.83 27.80
N ASN B 43 26.51 6.94 27.48
CA ASN B 43 26.95 8.33 27.37
C ASN B 43 26.90 9.10 28.71
N GLN B 44 28.12 9.50 29.21
CA GLN B 44 28.33 10.23 30.45
C GLN B 44 27.67 11.60 30.44
N GLN B 45 27.60 12.25 29.25
CA GLN B 45 26.92 13.52 29.07
C GLN B 45 25.47 13.33 29.51
N THR B 46 24.75 12.37 28.86
CA THR B 46 23.36 12.03 29.13
C THR B 46 23.17 11.72 30.62
N ILE B 47 24.10 10.94 31.23
CA ILE B 47 24.04 10.58 32.66
C ILE B 47 24.16 11.80 33.59
N ASP B 48 25.16 12.67 33.33
CA ASP B 48 25.42 13.90 34.06
C ASP B 48 24.23 14.84 33.97
N LYS B 49 23.72 15.14 32.74
CA LYS B 49 22.53 16.01 32.55
C LYS B 49 21.32 15.50 33.31
N LEU B 50 21.06 14.17 33.30
CA LEU B 50 19.94 13.54 34.02
C LEU B 50 20.17 13.62 35.54
N GLN B 51 21.43 13.36 36.01
CA GLN B 51 21.81 13.44 37.44
C GLN B 51 21.69 14.89 37.97
N ASN B 52 21.95 15.87 37.08
CA ASN B 52 21.86 17.31 37.34
C ASN B 52 20.39 17.77 37.45
N GLY B 53 19.46 16.97 36.90
CA GLY B 53 18.04 17.24 36.92
C GLY B 53 17.41 17.72 35.62
N GLN B 54 18.06 17.42 34.47
CA GLN B 54 17.56 17.85 33.15
C GLN B 54 17.40 16.67 32.20
N ILE B 55 16.29 16.64 31.45
CA ILE B 55 16.00 15.57 30.49
C ILE B 55 16.95 15.65 29.29
N SER B 56 17.26 14.49 28.70
CA SER B 56 18.16 14.40 27.55
C SER B 56 17.46 14.67 26.21
N ILE B 57 16.16 14.34 26.09
CA ILE B 57 15.38 14.53 24.87
C ILE B 57 14.32 15.63 24.94
N GLU B 58 14.05 16.33 23.82
CA GLU B 58 13.05 17.39 23.76
C GLU B 58 11.63 16.79 23.69
N GLU B 59 10.84 17.02 24.76
CA GLU B 59 9.46 16.55 24.86
C GLU B 59 8.62 17.51 25.75
N PRO B 60 7.41 17.94 25.27
CA PRO B 60 6.59 18.89 26.05
C PRO B 60 6.44 18.70 27.56
N GLY B 61 5.50 17.89 28.03
CA GLY B 61 5.33 17.72 29.47
C GLY B 61 6.22 16.67 30.08
N LEU B 62 7.53 16.66 29.74
CA LEU B 62 8.42 15.62 30.23
C LEU B 62 9.40 16.06 31.30
N GLN B 63 10.01 17.24 31.14
CA GLN B 63 10.96 17.78 32.11
C GLN B 63 10.31 17.92 33.51
N GLU B 64 9.00 18.32 33.52
CA GLU B 64 8.12 18.49 34.68
C GLU B 64 7.91 17.15 35.41
N VAL B 65 7.51 16.09 34.67
CA VAL B 65 7.27 14.74 35.21
C VAL B 65 8.57 14.05 35.65
N TYR B 66 9.73 14.46 35.06
CA TYR B 66 11.03 13.91 35.45
C TYR B 66 11.44 14.51 36.78
N GLU B 67 11.27 15.85 36.93
CA GLU B 67 11.61 16.63 38.13
C GLU B 67 11.08 15.98 39.41
N GLU B 68 9.76 15.71 39.46
CA GLU B 68 9.10 15.08 40.60
C GLU B 68 9.64 13.68 40.87
N VAL B 69 9.80 12.89 39.80
CA VAL B 69 10.28 11.51 39.76
C VAL B 69 11.72 11.33 40.28
N LEU B 70 12.58 12.29 39.94
CA LEU B 70 14.00 12.32 40.32
C LEU B 70 14.10 12.66 41.80
N SER B 71 13.25 13.58 42.26
CA SER B 71 13.16 14.04 43.64
C SER B 71 12.60 12.93 44.54
N SER B 72 11.65 12.11 44.01
CA SER B 72 11.00 10.97 44.69
C SER B 72 11.99 9.86 45.09
N GLY B 73 13.14 9.80 44.37
CA GLY B 73 14.17 8.77 44.53
C GLY B 73 13.81 7.50 43.78
N LYS B 74 12.74 7.57 42.98
CA LYS B 74 12.19 6.46 42.18
C LYS B 74 12.95 6.26 40.87
N LEU B 75 13.64 7.30 40.39
CA LEU B 75 14.49 7.21 39.21
C LEU B 75 15.91 7.63 39.56
N LYS B 76 16.85 6.69 39.34
CA LYS B 76 18.28 6.86 39.55
C LYS B 76 18.98 6.43 38.26
N VAL B 77 19.92 7.24 37.75
CA VAL B 77 20.65 6.94 36.53
C VAL B 77 22.12 6.65 36.76
N SER B 78 22.61 5.51 36.24
CA SER B 78 23.99 5.06 36.29
C SER B 78 24.42 4.67 34.86
N THR B 79 25.71 4.35 34.65
CA THR B 79 26.23 3.89 33.36
C THR B 79 26.38 2.38 33.43
N THR B 80 26.18 1.82 34.62
CA THR B 80 26.34 0.41 34.95
C THR B 80 25.00 -0.19 35.42
N PRO B 81 24.56 -1.35 34.87
CA PRO B 81 23.33 -1.95 35.39
C PRO B 81 23.57 -2.64 36.73
N GLU B 82 22.49 -3.13 37.35
CA GLU B 82 22.54 -3.88 38.59
C GLU B 82 21.41 -4.88 38.61
N ALA B 83 21.44 -5.83 39.55
CA ALA B 83 20.41 -6.85 39.67
C ALA B 83 19.03 -6.19 39.77
N SER B 84 18.11 -6.68 38.93
CA SER B 84 16.74 -6.17 38.87
C SER B 84 15.82 -7.37 38.74
N ASP B 85 14.52 -7.13 38.86
CA ASP B 85 13.53 -8.19 38.68
C ASP B 85 13.15 -8.26 37.20
N VAL B 86 13.31 -7.13 36.49
CA VAL B 86 13.03 -6.96 35.07
C VAL B 86 14.00 -5.98 34.41
N PHE B 87 14.58 -6.43 33.27
CA PHE B 87 15.52 -5.68 32.42
C PHE B 87 14.86 -5.33 31.07
N ILE B 88 14.86 -4.03 30.71
CA ILE B 88 14.30 -3.52 29.47
C ILE B 88 15.41 -2.92 28.58
N ILE B 89 15.62 -3.50 27.38
CA ILE B 89 16.61 -3.04 26.41
C ILE B 89 15.92 -2.09 25.43
N ALA B 90 16.32 -0.81 25.45
CA ALA B 90 15.78 0.25 24.61
C ALA B 90 16.91 1.06 23.94
N VAL B 91 17.94 0.34 23.47
CA VAL B 91 19.09 0.88 22.72
C VAL B 91 18.70 1.04 21.20
N PRO B 92 19.46 1.80 20.38
CA PRO B 92 19.10 1.91 18.95
C PRO B 92 19.41 0.67 18.13
N THR B 93 18.68 0.50 17.04
CA THR B 93 18.89 -0.56 16.07
C THR B 93 19.12 0.06 14.70
N PRO B 94 20.39 0.34 14.38
CA PRO B 94 20.68 0.96 13.07
C PRO B 94 20.50 0.02 11.89
N ASN B 95 20.42 0.58 10.67
CA ASN B 95 20.25 -0.27 9.49
C ASN B 95 21.56 -0.78 8.99
N ASN B 96 21.63 -2.09 8.76
CA ASN B 96 22.81 -2.73 8.18
C ASN B 96 22.89 -2.09 6.79
N ASP B 97 23.90 -1.25 6.54
CA ASP B 97 24.01 -0.53 5.26
C ASP B 97 23.62 -1.36 3.98
N ASP B 98 22.30 -1.34 3.61
CA ASP B 98 21.73 -2.01 2.42
C ASP B 98 20.56 -1.25 1.77
N GLN B 99 20.13 -1.78 0.60
CA GLN B 99 18.95 -1.41 -0.19
C GLN B 99 17.86 -2.44 0.24
N TYR B 100 18.12 -3.10 1.39
CA TYR B 100 17.27 -4.04 2.11
C TYR B 100 16.80 -3.35 3.41
N ARG B 101 17.71 -2.60 4.06
CA ARG B 101 17.51 -1.95 5.35
C ARG B 101 17.12 -2.96 6.42
N SER B 102 18.06 -3.86 6.70
CA SER B 102 17.94 -4.91 7.71
C SER B 102 18.26 -4.32 9.09
N CYS B 103 18.16 -5.15 10.14
CA CYS B 103 18.37 -4.70 11.51
C CYS B 103 19.76 -5.03 12.09
N ASP B 104 20.54 -3.99 12.50
CA ASP B 104 21.82 -4.19 13.19
C ASP B 104 21.47 -4.42 14.66
N ILE B 105 21.56 -5.68 15.11
CA ILE B 105 21.24 -6.06 16.49
C ILE B 105 22.42 -5.94 17.45
N SER B 106 23.59 -5.56 16.94
CA SER B 106 24.79 -5.41 17.75
C SER B 106 24.61 -4.55 19.01
N LEU B 107 23.86 -3.42 18.94
CA LEU B 107 23.65 -2.61 20.15
C LEU B 107 22.77 -3.28 21.18
N VAL B 108 21.76 -4.02 20.69
CA VAL B 108 20.84 -4.81 21.48
C VAL B 108 21.71 -5.91 22.12
N MET B 109 22.51 -6.60 21.28
CA MET B 109 23.40 -7.66 21.72
C MET B 109 24.46 -7.17 22.73
N ARG B 110 24.88 -5.89 22.61
CA ARG B 110 25.84 -5.21 23.47
C ARG B 110 25.18 -5.11 24.86
N ALA B 111 24.00 -4.48 24.89
CA ALA B 111 23.17 -4.25 26.06
C ALA B 111 22.86 -5.56 26.77
N LEU B 112 22.63 -6.64 25.99
CA LEU B 112 22.37 -7.96 26.54
C LEU B 112 23.58 -8.42 27.34
N ASP B 113 24.81 -8.22 26.82
CA ASP B 113 26.05 -8.58 27.50
C ASP B 113 26.21 -7.87 28.85
N SER B 114 26.00 -6.56 28.88
CA SER B 114 26.13 -5.70 30.05
C SER B 114 25.23 -6.08 31.23
N ILE B 115 24.10 -6.80 30.95
CA ILE B 115 23.13 -7.23 31.95
C ILE B 115 23.38 -8.67 32.40
N LEU B 116 23.81 -9.56 31.46
CA LEU B 116 24.18 -10.97 31.68
C LEU B 116 24.77 -11.29 33.07
N PRO B 117 25.82 -10.57 33.59
CA PRO B 117 26.35 -10.92 34.92
C PRO B 117 25.46 -10.63 36.13
N PHE B 118 24.40 -9.82 35.97
CA PHE B 118 23.47 -9.45 37.06
C PHE B 118 22.15 -10.28 37.06
N LEU B 119 22.03 -11.27 36.13
CA LEU B 119 20.84 -12.11 35.99
C LEU B 119 20.71 -13.09 37.14
N LYS B 120 19.48 -13.22 37.64
CA LYS B 120 19.14 -14.13 38.72
C LYS B 120 17.85 -14.83 38.34
N LYS B 121 17.70 -16.09 38.76
CA LYS B 121 16.50 -16.89 38.46
C LYS B 121 15.24 -16.15 38.90
N GLY B 122 14.27 -16.07 37.99
CA GLY B 122 13.00 -15.39 38.20
C GLY B 122 12.89 -14.07 37.47
N ASN B 123 14.01 -13.59 36.89
CA ASN B 123 14.08 -12.33 36.16
C ASN B 123 13.33 -12.36 34.80
N THR B 124 13.02 -11.14 34.30
CA THR B 124 12.29 -10.89 33.06
C THR B 124 13.10 -9.94 32.16
N ILE B 125 13.46 -10.38 30.95
CA ILE B 125 14.16 -9.57 29.94
C ILE B 125 13.19 -9.14 28.84
N ILE B 126 13.15 -7.82 28.56
CA ILE B 126 12.29 -7.22 27.54
C ILE B 126 13.14 -6.46 26.52
N VAL B 127 12.97 -6.80 25.24
CA VAL B 127 13.66 -6.11 24.14
C VAL B 127 12.62 -5.23 23.47
N GLU B 128 12.73 -3.90 23.71
CA GLU B 128 11.83 -2.85 23.20
C GLU B 128 12.32 -2.32 21.88
N SER B 129 13.62 -2.55 21.58
CA SER B 129 14.26 -2.15 20.34
C SER B 129 13.67 -2.93 19.17
N THR B 130 13.72 -2.34 17.96
CA THR B 130 13.23 -2.99 16.74
C THR B 130 14.22 -4.07 16.35
N ILE B 131 13.79 -5.33 16.24
CA ILE B 131 14.71 -6.41 15.93
C ILE B 131 14.29 -7.20 14.70
N ALA B 132 15.29 -7.78 13.97
CA ALA B 132 15.10 -8.59 12.76
C ALA B 132 14.35 -9.85 13.11
N PRO B 133 13.56 -10.48 12.21
CA PRO B 133 12.81 -11.67 12.61
C PRO B 133 13.70 -12.82 13.07
N LYS B 134 13.19 -13.57 14.07
CA LYS B 134 13.86 -14.69 14.71
C LYS B 134 15.07 -14.27 15.56
N THR B 135 15.16 -12.98 15.97
CA THR B 135 16.24 -12.49 16.84
C THR B 135 16.13 -13.15 18.21
N MET B 136 14.95 -13.05 18.84
CA MET B 136 14.69 -13.57 20.17
C MET B 136 15.03 -15.05 20.33
N ASP B 137 14.78 -15.84 19.27
CA ASP B 137 14.95 -17.29 19.22
C ASP B 137 16.34 -17.78 18.84
N ASP B 138 16.95 -17.15 17.83
CA ASP B 138 18.22 -17.59 17.28
C ASP B 138 19.41 -16.83 17.84
N PHE B 139 19.20 -15.68 18.49
CA PHE B 139 20.29 -14.86 19.02
C PHE B 139 20.20 -14.63 20.50
N VAL B 140 19.08 -14.09 21.01
CA VAL B 140 18.91 -13.83 22.43
C VAL B 140 18.79 -15.14 23.20
N LYS B 141 17.72 -15.97 22.95
CA LYS B 141 17.48 -17.28 23.58
C LYS B 141 18.76 -18.11 23.81
N PRO B 142 19.62 -18.37 22.77
CA PRO B 142 20.84 -19.17 22.99
C PRO B 142 21.79 -18.65 24.08
N VAL B 143 22.19 -17.36 24.00
CA VAL B 143 23.06 -16.66 24.95
C VAL B 143 22.58 -16.80 26.41
N ILE B 144 21.26 -16.68 26.64
CA ILE B 144 20.68 -16.82 27.98
C ILE B 144 20.70 -18.30 28.43
N GLU B 145 20.13 -19.22 27.60
CA GLU B 145 20.05 -20.67 27.87
C GLU B 145 21.41 -21.27 28.19
N ASN B 146 22.48 -20.72 27.59
CA ASN B 146 23.85 -21.13 27.78
C ASN B 146 24.36 -20.93 29.22
N LEU B 147 23.86 -19.91 29.93
CA LEU B 147 24.25 -19.62 31.31
C LEU B 147 23.68 -20.66 32.28
N GLY B 148 22.68 -21.42 31.83
CA GLY B 148 22.01 -22.46 32.62
C GLY B 148 20.52 -22.25 32.73
N PHE B 149 20.08 -20.99 32.51
CA PHE B 149 18.69 -20.55 32.53
C PHE B 149 17.83 -21.29 31.50
N THR B 150 16.54 -21.40 31.77
CA THR B 150 15.58 -22.07 30.90
C THR B 150 14.39 -21.18 30.71
N ILE B 151 14.18 -20.77 29.46
CA ILE B 151 13.13 -19.87 29.01
C ILE B 151 11.76 -20.44 29.40
N GLY B 152 11.01 -19.66 30.14
CA GLY B 152 9.69 -20.04 30.65
C GLY B 152 9.71 -20.62 32.04
N GLU B 153 10.92 -20.82 32.61
CA GLU B 153 11.12 -21.37 33.95
C GLU B 153 12.04 -20.48 34.80
N ASP B 154 13.37 -20.49 34.51
CA ASP B 154 14.39 -19.69 35.22
C ASP B 154 14.20 -18.20 34.93
N ILE B 155 14.13 -17.84 33.62
CA ILE B 155 13.94 -16.47 33.12
C ILE B 155 12.94 -16.39 31.96
N TYR B 156 12.43 -15.18 31.75
CA TYR B 156 11.40 -14.85 30.78
C TYR B 156 11.86 -13.85 29.71
N LEU B 157 11.82 -14.27 28.43
CA LEU B 157 12.21 -13.45 27.29
C LEU B 157 11.01 -12.89 26.55
N VAL B 158 10.91 -11.56 26.48
CA VAL B 158 9.81 -10.85 25.84
C VAL B 158 10.30 -9.78 24.87
N HIS B 159 9.69 -9.73 23.69
CA HIS B 159 9.95 -8.65 22.74
C HIS B 159 8.67 -7.85 22.75
N CYS B 160 8.77 -6.60 23.17
CA CYS B 160 7.61 -5.73 23.20
C CYS B 160 8.03 -4.51 22.41
N PRO B 161 7.78 -4.50 21.08
CA PRO B 161 8.26 -3.35 20.30
C PRO B 161 7.45 -2.09 20.56
N GLU B 162 8.12 -1.01 20.90
CA GLU B 162 7.41 0.25 21.15
C GLU B 162 6.83 0.89 19.84
N ARG B 163 6.22 2.07 19.96
CA ARG B 163 5.63 2.93 18.92
C ARG B 163 5.46 4.29 19.62
N VAL B 164 6.40 5.19 19.40
CA VAL B 164 6.38 6.50 20.05
C VAL B 164 5.86 7.62 19.13
N LEU B 165 5.10 8.57 19.71
CA LEU B 165 4.58 9.76 19.03
C LEU B 165 5.01 10.98 19.83
N PRO B 166 6.18 11.58 19.49
CA PRO B 166 6.64 12.77 20.22
C PRO B 166 5.55 13.83 20.37
N GLY B 167 5.31 14.21 21.62
CA GLY B 167 4.27 15.14 22.02
C GLY B 167 3.27 14.42 22.92
N LYS B 168 2.69 13.33 22.39
CA LYS B 168 1.75 12.48 23.11
C LYS B 168 2.45 11.16 23.56
N ILE B 169 3.79 11.21 23.81
CA ILE B 169 4.63 10.07 24.22
C ILE B 169 4.11 9.32 25.46
N LEU B 170 4.06 10.01 26.61
CA LEU B 170 3.60 9.47 27.90
C LEU B 170 2.14 9.05 27.84
N GLU B 171 1.30 9.83 27.10
CA GLU B 171 -0.12 9.54 26.92
C GLU B 171 -0.33 8.23 26.16
N GLU B 172 0.44 8.03 25.08
CA GLU B 172 0.43 6.78 24.29
C GLU B 172 0.94 5.62 25.14
N LEU B 173 2.05 5.83 25.92
CA LEU B 173 2.65 4.83 26.83
C LEU B 173 1.60 4.19 27.76
N VAL B 174 0.51 4.92 28.05
CA VAL B 174 -0.60 4.53 28.93
C VAL B 174 -1.80 3.96 28.15
N HIS B 175 -2.28 4.68 27.14
CA HIS B 175 -3.46 4.29 26.38
C HIS B 175 -3.30 3.41 25.14
N ASN B 176 -2.12 3.44 24.50
CA ASN B 176 -1.87 2.64 23.32
C ASN B 176 -1.86 1.15 23.57
N ASN B 177 -2.35 0.40 22.58
CA ASN B 177 -2.37 -1.05 22.57
C ASN B 177 -0.94 -1.56 22.40
N ARG B 178 -0.58 -2.55 23.22
CA ARG B 178 0.75 -3.15 23.25
C ARG B 178 0.75 -4.58 22.82
N ILE B 179 1.87 -5.01 22.21
CA ILE B 179 2.07 -6.38 21.76
C ILE B 179 3.10 -7.02 22.70
N ILE B 180 2.66 -8.02 23.49
CA ILE B 180 3.58 -8.74 24.35
C ILE B 180 3.94 -10.01 23.57
N GLY B 181 5.18 -10.10 23.12
CA GLY B 181 5.68 -11.22 22.33
C GLY B 181 6.65 -12.05 23.13
N GLY B 182 6.15 -13.05 23.82
CA GLY B 182 6.97 -13.90 24.68
C GLY B 182 7.40 -15.18 24.01
N VAL B 183 8.60 -15.65 24.34
CA VAL B 183 9.16 -16.90 23.79
C VAL B 183 8.33 -18.14 24.19
N THR B 184 7.75 -18.12 25.41
CA THR B 184 6.87 -19.15 25.97
C THR B 184 5.61 -18.46 26.48
N LYS B 185 4.50 -19.22 26.68
CA LYS B 185 3.26 -18.66 27.23
C LYS B 185 3.52 -18.07 28.65
N ALA B 186 4.57 -18.58 29.35
CA ALA B 186 5.02 -18.10 30.66
C ALA B 186 5.61 -16.71 30.50
N CYS B 187 6.51 -16.52 29.50
CA CYS B 187 7.15 -15.24 29.13
C CYS B 187 6.09 -14.17 28.87
N ILE B 188 4.97 -14.55 28.17
CA ILE B 188 3.82 -13.66 27.89
C ILE B 188 3.24 -13.14 29.23
N GLU B 189 3.02 -14.03 30.21
CA GLU B 189 2.48 -13.69 31.53
C GLU B 189 3.41 -12.82 32.31
N ALA B 190 4.72 -13.09 32.24
CA ALA B 190 5.76 -12.30 32.92
C ALA B 190 5.76 -10.86 32.42
N GLY B 191 5.71 -10.67 31.10
CA GLY B 191 5.70 -9.36 30.45
C GLY B 191 4.43 -8.60 30.69
N LYS B 192 3.33 -9.34 30.87
CA LYS B 192 2.02 -8.79 31.19
C LYS B 192 2.04 -8.21 32.62
N ARG B 193 2.72 -8.90 33.57
CA ARG B 193 2.83 -8.43 34.97
C ARG B 193 3.49 -7.04 35.04
N VAL B 194 4.55 -6.86 34.22
CA VAL B 194 5.33 -5.64 34.09
C VAL B 194 4.48 -4.48 33.53
N TYR B 195 4.04 -4.57 32.28
CA TYR B 195 3.30 -3.47 31.65
C TYR B 195 1.97 -3.10 32.29
N ARG B 196 1.40 -4.04 33.07
CA ARG B 196 0.16 -3.88 33.82
C ARG B 196 0.29 -2.76 34.87
N THR B 197 1.53 -2.39 35.29
CA THR B 197 1.72 -1.29 36.23
C THR B 197 1.15 0.06 35.74
N PHE B 198 1.16 0.30 34.40
CA PHE B 198 0.60 1.54 33.84
C PHE B 198 -0.21 1.41 32.55
N VAL B 199 -0.10 0.28 31.85
CA VAL B 199 -0.81 0.14 30.58
C VAL B 199 -2.32 -0.05 30.75
N GLN B 200 -3.08 1.01 30.38
CA GLN B 200 -4.53 1.01 30.36
C GLN B 200 -5.02 0.33 29.09
N GLY B 201 -4.19 0.39 28.03
CA GLY B 201 -4.46 -0.24 26.74
C GLY B 201 -4.48 -1.77 26.78
N GLU B 202 -4.79 -2.38 25.64
CA GLU B 202 -4.87 -3.83 25.52
C GLU B 202 -3.48 -4.48 25.45
N MET B 203 -3.33 -5.67 26.08
CA MET B 203 -2.11 -6.45 26.09
C MET B 203 -2.33 -7.53 25.07
N ILE B 204 -1.84 -7.32 23.84
CA ILE B 204 -1.99 -8.29 22.77
C ILE B 204 -0.98 -9.41 22.96
N GLU B 205 -1.47 -10.59 23.37
CA GLU B 205 -0.67 -11.79 23.61
C GLU B 205 -0.29 -12.45 22.29
N THR B 206 1.02 -12.73 22.12
CA THR B 206 1.60 -13.40 20.94
C THR B 206 3.00 -13.93 21.28
N ASP B 207 3.65 -14.66 20.34
CA ASP B 207 5.01 -15.15 20.55
C ASP B 207 6.02 -14.15 19.99
N ALA B 208 7.28 -14.22 20.46
CA ALA B 208 8.37 -13.35 20.04
C ALA B 208 8.43 -13.12 18.50
N ARG B 209 8.57 -14.20 17.69
CA ARG B 209 8.66 -14.11 16.21
C ARG B 209 7.51 -13.35 15.54
N THR B 210 6.27 -13.51 16.03
CA THR B 210 5.13 -12.77 15.48
C THR B 210 5.22 -11.30 15.85
N ALA B 211 5.59 -10.95 17.12
CA ALA B 211 5.78 -9.57 17.57
C ALA B 211 6.89 -8.88 16.78
N GLU B 212 8.00 -9.58 16.51
CA GLU B 212 9.14 -9.07 15.74
C GLU B 212 8.72 -8.80 14.31
N MET B 213 8.19 -9.85 13.62
CA MET B 213 7.76 -9.77 12.23
C MET B 213 6.70 -8.70 12.02
N SER B 214 5.74 -8.56 12.93
CA SER B 214 4.71 -7.54 12.74
C SER B 214 5.22 -6.12 12.74
N LYS B 215 6.18 -5.75 13.62
CA LYS B 215 6.72 -4.40 13.68
C LYS B 215 7.43 -4.06 12.39
N LEU B 216 8.14 -5.02 11.89
CA LEU B 216 8.84 -4.93 10.63
C LEU B 216 7.89 -4.82 9.44
N MET B 217 6.78 -5.56 9.48
CA MET B 217 5.77 -5.51 8.43
C MET B 217 5.05 -4.15 8.38
N GLU B 218 4.79 -3.57 9.58
CA GLU B 218 4.19 -2.25 9.75
C GLU B 218 5.09 -1.25 9.05
N ASN B 219 6.41 -1.43 9.17
CA ASN B 219 7.40 -0.54 8.56
C ASN B 219 7.54 -0.74 7.06
N THR B 220 7.40 -2.02 6.62
CA THR B 220 7.50 -2.44 5.23
C THR B 220 6.29 -1.93 4.45
N TYR B 221 5.05 -2.14 4.96
CA TYR B 221 3.85 -1.61 4.31
C TYR B 221 4.02 -0.11 4.00
N ARG B 222 4.49 0.67 4.99
CA ARG B 222 4.74 2.12 4.94
C ARG B 222 5.74 2.49 3.83
N ASP B 223 6.93 1.82 3.81
CA ASP B 223 8.04 2.07 2.89
C ASP B 223 7.66 1.80 1.44
N VAL B 224 7.06 0.63 1.18
CA VAL B 224 6.60 0.18 -0.13
C VAL B 224 5.51 1.14 -0.64
N ASN B 225 4.60 1.56 0.27
CA ASN B 225 3.51 2.47 -0.06
C ASN B 225 3.91 3.89 -0.28
N ILE B 226 5.07 4.30 0.28
CA ILE B 226 5.66 5.62 0.04
C ILE B 226 6.38 5.52 -1.30
N ALA B 227 7.08 4.36 -1.57
CA ALA B 227 7.79 4.06 -2.81
C ALA B 227 6.85 4.14 -3.98
N LEU B 228 5.59 3.67 -3.81
CA LEU B 228 4.55 3.79 -4.84
C LEU B 228 4.21 5.26 -5.14
N ALA B 229 3.97 6.07 -4.09
CA ALA B 229 3.62 7.49 -4.24
C ALA B 229 4.74 8.29 -4.89
N ASN B 230 6.00 7.94 -4.55
CA ASN B 230 7.21 8.56 -5.10
C ASN B 230 7.38 8.23 -6.56
N GLU B 231 7.19 6.94 -6.93
CA GLU B 231 7.23 6.42 -8.29
C GLU B 231 6.14 7.07 -9.15
N LEU B 232 4.93 7.26 -8.57
CA LEU B 232 3.83 7.91 -9.26
C LEU B 232 4.15 9.34 -9.57
N THR B 233 4.82 10.04 -8.66
CA THR B 233 5.26 11.43 -8.81
C THR B 233 6.21 11.55 -10.00
N LYS B 234 7.13 10.59 -10.13
CA LYS B 234 8.06 10.56 -11.25
C LYS B 234 7.28 10.38 -12.55
N ILE B 235 6.31 9.45 -12.58
CA ILE B 235 5.47 9.18 -13.76
C ILE B 235 4.59 10.39 -14.09
N CYS B 236 3.90 10.95 -13.08
CA CYS B 236 2.96 12.07 -13.22
C CYS B 236 3.61 13.30 -13.73
N ASN B 237 4.82 13.62 -13.23
CA ASN B 237 5.55 14.82 -13.65
C ASN B 237 5.95 14.79 -15.13
N ASN B 238 6.30 13.58 -15.62
CA ASN B 238 6.66 13.33 -17.02
C ASN B 238 5.43 13.38 -17.94
N LEU B 239 4.23 13.16 -17.37
CA LEU B 239 2.96 13.13 -18.08
C LEU B 239 2.15 14.39 -17.90
N ASN B 240 2.68 15.37 -17.14
CA ASN B 240 2.01 16.65 -16.86
C ASN B 240 0.67 16.48 -16.14
N ILE B 241 0.65 15.55 -15.16
CA ILE B 241 -0.49 15.17 -14.31
C ILE B 241 -0.15 15.55 -12.86
N ASN B 242 -1.14 16.03 -12.08
CA ASN B 242 -0.90 16.42 -10.67
C ASN B 242 -1.00 15.19 -9.78
N VAL B 243 0.14 14.66 -9.31
CA VAL B 243 0.19 13.47 -8.44
C VAL B 243 -0.70 13.60 -7.18
N LEU B 244 -0.68 14.77 -6.55
CA LEU B 244 -1.43 15.03 -5.32
C LEU B 244 -2.93 14.97 -5.53
N ASP B 245 -3.41 15.54 -6.64
CA ASP B 245 -4.83 15.51 -7.04
C ASP B 245 -5.25 14.07 -7.39
N VAL B 246 -4.37 13.32 -8.05
CA VAL B 246 -4.58 11.92 -8.41
C VAL B 246 -4.74 11.07 -7.15
N ILE B 247 -3.80 11.19 -6.17
CA ILE B 247 -3.84 10.46 -4.89
C ILE B 247 -5.19 10.71 -4.15
N GLU B 248 -5.62 11.98 -4.05
CA GLU B 248 -6.87 12.39 -3.40
C GLU B 248 -8.10 11.73 -4.04
N MET B 249 -8.12 11.64 -5.39
CA MET B 249 -9.19 11.04 -6.19
C MET B 249 -9.29 9.57 -5.94
N ALA B 250 -8.22 8.82 -6.20
CA ALA B 250 -8.12 7.38 -6.03
C ALA B 250 -8.37 6.94 -4.57
N ASN B 251 -7.96 7.77 -3.59
CA ASN B 251 -8.16 7.47 -2.18
C ASN B 251 -9.63 7.56 -1.69
N LYS B 252 -10.53 8.09 -2.57
CA LYS B 252 -11.96 8.17 -2.37
C LYS B 252 -12.53 6.76 -2.30
N HIS B 253 -11.83 5.79 -2.92
CA HIS B 253 -12.18 4.37 -2.84
C HIS B 253 -11.85 3.88 -1.39
N PRO B 254 -12.79 3.17 -0.73
CA PRO B 254 -12.54 2.75 0.68
C PRO B 254 -11.36 1.79 0.89
N ARG B 255 -11.10 0.93 -0.11
CA ARG B 255 -10.01 -0.06 -0.07
C ARG B 255 -8.72 0.40 -0.83
N VAL B 256 -8.55 1.74 -1.01
CA VAL B 256 -7.39 2.39 -1.62
C VAL B 256 -6.91 3.49 -0.66
N ASN B 257 -5.65 3.37 -0.20
CA ASN B 257 -5.04 4.25 0.80
C ASN B 257 -3.57 4.63 0.38
N ILE B 258 -3.43 5.15 -0.87
CA ILE B 258 -2.15 5.59 -1.44
C ILE B 258 -1.55 6.61 -0.50
N HIS B 259 -0.25 6.44 -0.20
CA HIS B 259 0.52 7.29 0.70
C HIS B 259 0.96 8.59 0.01
N GLN B 260 1.64 9.46 0.76
CA GLN B 260 2.08 10.71 0.18
C GLN B 260 3.53 10.65 -0.31
N PRO B 261 3.86 11.38 -1.40
CA PRO B 261 5.27 11.45 -1.81
C PRO B 261 6.10 12.29 -0.83
N GLY B 262 7.40 12.31 -1.03
CA GLY B 262 8.30 13.03 -0.16
C GLY B 262 9.69 13.14 -0.69
N PRO B 263 10.63 13.69 0.13
CA PRO B 263 12.02 13.85 -0.34
C PRO B 263 12.88 12.60 -0.09
N GLY B 264 12.20 11.54 0.27
CA GLY B 264 12.81 10.25 0.56
C GLY B 264 12.23 9.69 1.82
N VAL B 265 12.81 8.60 2.29
CA VAL B 265 12.38 7.91 3.49
C VAL B 265 13.57 7.74 4.39
N GLY B 266 13.42 8.22 5.62
CA GLY B 266 14.44 8.11 6.65
C GLY B 266 14.49 6.77 7.34
N GLY B 267 15.72 6.26 7.46
CA GLY B 267 16.16 5.03 8.11
C GLY B 267 15.26 4.38 9.13
N HIS B 268 14.82 3.16 8.78
CA HIS B 268 13.93 2.29 9.54
C HIS B 268 14.12 0.84 9.13
N CYS B 269 14.12 -0.02 10.10
CA CYS B 269 14.28 -1.46 9.99
C CYS B 269 13.19 -2.09 9.16
N LEU B 270 13.54 -3.09 8.36
CA LEU B 270 12.53 -3.73 7.53
C LEU B 270 12.36 -5.21 7.78
N ALA B 271 11.20 -5.77 7.30
CA ALA B 271 10.77 -7.17 7.37
C ALA B 271 11.56 -8.09 6.44
N VAL B 272 12.90 -8.02 6.55
CA VAL B 272 13.89 -8.80 5.81
C VAL B 272 14.87 -9.43 6.82
N ASP B 273 15.31 -10.66 6.53
CA ASP B 273 16.30 -11.38 7.33
C ASP B 273 17.69 -10.91 6.85
N PRO B 274 18.60 -10.41 7.74
CA PRO B 274 19.91 -9.90 7.27
C PRO B 274 20.77 -10.83 6.38
N TYR B 275 20.55 -12.16 6.46
CA TYR B 275 21.25 -13.19 5.68
C TYR B 275 21.23 -12.98 4.14
N PHE B 276 20.13 -12.41 3.60
CA PHE B 276 19.93 -12.14 2.17
C PHE B 276 21.04 -11.22 1.63
N ASN B 284 13.39 -13.13 -4.81
CA ASN B 284 13.81 -13.02 -3.41
C ASN B 284 12.91 -11.94 -2.64
N ALA B 285 13.53 -10.85 -2.06
CA ALA B 285 12.84 -9.73 -1.42
C ALA B 285 12.81 -8.53 -2.44
N LYS B 286 12.44 -8.85 -3.72
CA LYS B 286 12.43 -7.96 -4.89
C LYS B 286 11.60 -6.71 -4.67
N LEU B 287 10.35 -6.83 -4.18
CA LEU B 287 9.46 -5.68 -3.93
C LEU B 287 10.00 -4.75 -2.86
N ILE B 288 10.43 -5.29 -1.71
CA ILE B 288 11.00 -4.51 -0.61
C ILE B 288 12.30 -3.82 -1.10
N GLN B 289 13.17 -4.53 -1.87
CA GLN B 289 14.40 -3.96 -2.44
C GLN B 289 14.07 -2.83 -3.38
N THR B 290 13.17 -3.06 -4.34
CA THR B 290 12.71 -2.05 -5.32
C THR B 290 12.19 -0.80 -4.58
N GLY B 291 11.34 -1.02 -3.58
CA GLY B 291 10.77 0.03 -2.75
C GLY B 291 11.83 0.88 -2.07
N ARG B 292 12.89 0.21 -1.57
CA ARG B 292 14.05 0.82 -0.96
C ARG B 292 14.83 1.65 -1.97
N GLU B 293 15.14 1.09 -3.18
CA GLU B 293 15.85 1.80 -4.25
C GLU B 293 15.13 3.10 -4.63
N ILE B 294 13.79 3.05 -4.87
CA ILE B 294 12.95 4.20 -5.23
C ILE B 294 13.03 5.29 -4.14
N ASN B 295 12.81 4.92 -2.86
CA ASN B 295 12.91 5.84 -1.73
C ASN B 295 14.32 6.43 -1.56
N ASN B 296 15.36 5.61 -1.87
CA ASN B 296 16.77 6.02 -1.83
C ASN B 296 17.17 6.96 -2.96
N SER B 297 16.40 6.97 -4.06
CA SER B 297 16.63 7.80 -5.24
C SER B 297 15.97 9.19 -5.13
N MET B 298 15.00 9.37 -4.20
CA MET B 298 14.29 10.64 -4.03
C MET B 298 15.21 11.84 -3.76
N PRO B 299 16.28 11.74 -2.90
CA PRO B 299 17.20 12.87 -2.75
C PRO B 299 17.81 13.32 -4.08
N ALA B 300 18.28 12.35 -4.93
CA ALA B 300 18.83 12.64 -6.26
C ALA B 300 17.77 13.27 -7.18
N TYR B 301 16.52 12.74 -7.17
CA TYR B 301 15.41 13.25 -7.97
C TYR B 301 15.16 14.74 -7.65
N VAL B 302 15.11 15.07 -6.33
CA VAL B 302 14.94 16.43 -5.79
C VAL B 302 16.14 17.33 -6.18
N VAL B 303 17.39 16.82 -6.06
CA VAL B 303 18.61 17.55 -6.43
C VAL B 303 18.55 17.93 -7.92
N ASP B 304 18.22 16.94 -8.79
CA ASP B 304 18.10 17.13 -10.25
C ASP B 304 17.05 18.17 -10.59
N THR B 305 15.89 18.11 -9.90
CA THR B 305 14.81 19.06 -10.07
C THR B 305 15.28 20.47 -9.63
N THR B 306 16.05 20.57 -8.51
CA THR B 306 16.61 21.82 -7.98
C THR B 306 17.57 22.43 -9.00
N LYS B 307 18.52 21.63 -9.55
CA LYS B 307 19.45 22.05 -10.61
C LYS B 307 18.63 22.74 -11.71
N GLN B 308 17.67 22.01 -12.33
CA GLN B 308 16.75 22.50 -13.38
C GLN B 308 16.13 23.84 -13.02
N ILE B 309 15.55 23.99 -11.80
CA ILE B 309 14.96 25.25 -11.35
C ILE B 309 16.02 26.38 -11.38
N ILE B 310 17.25 26.11 -10.84
CA ILE B 310 18.37 27.05 -10.78
C ILE B 310 18.97 27.37 -12.16
N LYS B 311 18.79 26.47 -13.15
CA LYS B 311 19.29 26.66 -14.53
C LYS B 311 18.45 27.72 -15.26
N ALA B 312 17.12 27.70 -15.04
CA ALA B 312 16.18 28.63 -15.67
C ALA B 312 16.25 30.04 -15.06
N LEU B 313 16.60 30.12 -13.77
CA LEU B 313 16.73 31.36 -13.01
C LEU B 313 18.19 31.79 -12.96
N SER B 314 18.45 33.01 -12.46
CA SER B 314 19.82 33.48 -12.28
C SER B 314 20.32 32.95 -10.89
N GLY B 315 21.47 33.42 -10.41
CA GLY B 315 21.98 33.03 -9.10
C GLY B 315 22.28 31.56 -8.91
N ASN B 316 22.82 31.25 -7.72
CA ASN B 316 23.22 29.91 -7.30
C ASN B 316 22.64 29.53 -5.94
N LYS B 317 22.17 30.53 -5.17
CA LYS B 317 21.73 30.23 -3.82
C LYS B 317 20.38 29.52 -3.75
N VAL B 318 20.34 28.49 -2.91
CA VAL B 318 19.16 27.69 -2.61
C VAL B 318 19.13 27.43 -1.11
N THR B 319 17.98 27.74 -0.49
CA THR B 319 17.80 27.54 0.92
C THR B 319 16.95 26.30 1.23
N VAL B 320 17.58 25.30 1.87
CA VAL B 320 17.00 24.05 2.34
C VAL B 320 16.29 24.42 3.65
N PHE B 321 14.98 24.14 3.71
CA PHE B 321 14.04 24.35 4.83
C PHE B 321 13.72 22.97 5.39
N GLY B 322 14.44 22.57 6.41
CA GLY B 322 14.28 21.27 7.07
C GLY B 322 15.40 20.31 6.79
N LEU B 323 15.99 19.77 7.86
CA LEU B 323 17.10 18.81 7.76
C LEU B 323 16.75 17.48 8.43
N THR B 324 15.59 17.42 9.10
CA THR B 324 15.09 16.24 9.82
C THR B 324 14.25 15.29 8.95
N TYR B 325 14.22 14.00 9.36
CA TYR B 325 13.46 12.93 8.70
C TYR B 325 11.94 13.12 8.86
N LYS B 326 11.53 13.68 10.01
CA LYS B 326 10.15 13.89 10.43
C LYS B 326 9.95 15.37 10.80
N GLY B 327 8.69 15.81 10.80
CA GLY B 327 8.31 17.17 11.18
C GLY B 327 8.23 17.32 12.68
N ASP B 328 8.60 18.52 13.18
CA ASP B 328 8.60 18.93 14.60
C ASP B 328 9.50 18.12 15.53
N VAL B 329 10.56 17.49 14.98
CA VAL B 329 11.61 16.72 15.67
C VAL B 329 13.00 17.34 15.36
N ASP B 330 14.04 16.96 16.13
CA ASP B 330 15.41 17.47 15.93
C ASP B 330 16.39 16.36 15.41
N ASP B 331 15.86 15.16 15.08
CA ASP B 331 16.62 14.00 14.63
C ASP B 331 17.09 14.12 13.18
N ILE B 332 18.41 14.26 13.00
CA ILE B 332 19.01 14.37 11.68
C ILE B 332 19.53 13.03 11.21
N ARG B 333 19.48 12.01 12.09
CA ARG B 333 19.95 10.66 11.81
C ARG B 333 19.22 10.10 10.60
N GLU B 334 19.99 9.53 9.65
CA GLU B 334 19.52 8.90 8.41
C GLU B 334 18.38 9.69 7.72
N SER B 335 18.49 11.03 7.69
CA SER B 335 17.50 11.93 7.11
C SER B 335 17.66 12.20 5.58
N PRO B 336 16.61 11.95 4.71
CA PRO B 336 16.74 12.29 3.28
C PRO B 336 16.90 13.78 3.05
N ALA B 337 16.37 14.61 3.99
CA ALA B 337 16.49 16.08 3.97
C ALA B 337 17.98 16.45 4.14
N PHE B 338 18.70 15.76 5.06
CA PHE B 338 20.12 15.97 5.24
C PHE B 338 20.90 15.49 4.00
N ASP B 339 20.56 14.30 3.49
CA ASP B 339 21.16 13.74 2.30
C ASP B 339 21.09 14.70 1.10
N ILE B 340 19.96 15.46 0.96
CA ILE B 340 19.78 16.46 -0.11
C ILE B 340 20.74 17.58 0.08
N TYR B 341 20.81 18.14 1.31
CA TYR B 341 21.69 19.24 1.69
C TYR B 341 23.13 18.90 1.40
N GLU B 342 23.58 17.73 1.86
CA GLU B 342 24.92 17.22 1.66
C GLU B 342 25.24 17.21 0.16
N LEU B 343 24.34 16.66 -0.69
CA LEU B 343 24.46 16.61 -2.16
C LEU B 343 24.48 18.00 -2.79
N LEU B 344 23.54 18.87 -2.40
CA LEU B 344 23.46 20.21 -2.92
C LEU B 344 24.74 21.01 -2.66
N ASN B 345 25.33 20.80 -1.45
CA ASN B 345 26.60 21.40 -1.02
C ASN B 345 27.69 20.97 -2.00
N GLN B 346 27.91 19.63 -2.16
CA GLN B 346 28.86 18.97 -3.06
C GLN B 346 28.78 19.48 -4.52
N GLU B 347 27.59 19.90 -4.98
CA GLU B 347 27.37 20.42 -6.32
C GLU B 347 28.10 21.75 -6.40
N PRO B 348 29.05 21.87 -7.36
CA PRO B 348 29.85 23.12 -7.41
C PRO B 348 29.09 24.34 -7.90
N ASP B 349 28.17 24.15 -8.88
CA ASP B 349 27.36 25.22 -9.46
C ASP B 349 26.19 25.66 -8.57
N ILE B 350 26.11 25.15 -7.34
CA ILE B 350 25.05 25.44 -6.37
C ILE B 350 25.58 25.97 -5.01
N GLU B 351 24.98 27.08 -4.55
CA GLU B 351 25.26 27.72 -3.26
C GLU B 351 24.17 27.22 -2.30
N VAL B 352 24.57 26.51 -1.21
CA VAL B 352 23.61 25.96 -0.26
C VAL B 352 23.53 26.63 1.11
N CYS B 353 22.30 26.72 1.64
CA CYS B 353 22.01 27.27 2.96
C CYS B 353 20.96 26.41 3.62
N ALA B 354 21.20 25.99 4.86
CA ALA B 354 20.27 25.18 5.61
C ALA B 354 19.58 25.95 6.73
N TYR B 355 18.24 25.92 6.71
CA TYR B 355 17.42 26.53 7.74
C TYR B 355 16.57 25.47 8.42
N ASP B 356 16.86 25.23 9.71
CA ASP B 356 16.06 24.36 10.54
C ASP B 356 15.98 24.93 11.98
N PRO B 357 14.75 25.26 12.45
CA PRO B 357 14.61 25.80 13.81
C PRO B 357 14.84 24.76 14.90
N HIS B 358 14.55 23.50 14.60
CA HIS B 358 14.67 22.40 15.55
C HIS B 358 16.05 21.81 15.60
N VAL B 359 16.89 22.05 14.55
CA VAL B 359 18.26 21.51 14.45
C VAL B 359 19.32 22.44 15.03
N GLU B 360 19.84 22.12 16.22
CA GLU B 360 20.88 22.94 16.85
C GLU B 360 22.22 22.44 16.32
N LEU B 361 22.78 23.18 15.35
CA LEU B 361 24.03 22.89 14.67
C LEU B 361 24.69 24.13 14.14
N ASP B 362 26.02 24.09 14.06
CA ASP B 362 26.90 25.18 13.62
C ASP B 362 26.69 25.70 12.20
N PHE B 363 26.61 24.81 11.20
CA PHE B 363 26.40 25.19 9.80
C PHE B 363 24.94 25.60 9.46
N VAL B 364 24.02 25.43 10.42
CA VAL B 364 22.58 25.71 10.31
C VAL B 364 22.25 27.15 10.68
N GLU B 365 21.63 27.90 9.75
CA GLU B 365 21.24 29.28 9.99
C GLU B 365 19.99 29.38 10.90
N HIS B 366 20.10 30.27 11.92
CA HIS B 366 19.06 30.58 12.91
C HIS B 366 17.99 31.53 12.32
N ASP B 367 18.42 32.62 11.64
CA ASP B 367 17.48 33.58 11.07
C ASP B 367 16.94 33.13 9.71
N MET B 368 15.61 33.18 9.54
CA MET B 368 14.98 32.84 8.27
C MET B 368 15.29 33.85 7.15
N SER B 369 15.36 35.16 7.48
CA SER B 369 15.62 36.23 6.51
C SER B 369 17.03 36.20 5.93
N HIS B 370 18.05 35.86 6.75
CA HIS B 370 19.44 35.80 6.29
C HIS B 370 19.68 34.55 5.44
N ALA B 371 18.99 33.45 5.76
CA ALA B 371 19.03 32.18 5.03
C ALA B 371 18.42 32.36 3.63
N VAL B 372 17.26 33.06 3.53
CA VAL B 372 16.56 33.33 2.27
C VAL B 372 17.16 34.49 1.47
N LYS B 373 18.03 35.32 2.11
CA LYS B 373 18.69 36.50 1.50
C LYS B 373 19.44 36.11 0.22
N ASP B 374 19.00 36.68 -0.94
CA ASP B 374 19.55 36.45 -2.29
C ASP B 374 19.43 34.98 -2.83
N ALA B 375 18.64 34.13 -2.15
CA ALA B 375 18.39 32.75 -2.55
C ALA B 375 17.44 32.72 -3.74
N SER B 376 17.82 32.00 -4.78
CA SER B 376 17.03 31.88 -5.99
C SER B 376 15.89 30.83 -5.81
N LEU B 377 16.04 29.91 -4.84
CA LEU B 377 15.06 28.85 -4.53
C LEU B 377 15.09 28.52 -3.05
N VAL B 378 13.90 28.25 -2.50
CA VAL B 378 13.68 27.74 -1.16
C VAL B 378 13.05 26.34 -1.37
N LEU B 379 13.76 25.31 -0.90
CA LEU B 379 13.41 23.90 -0.99
C LEU B 379 12.94 23.45 0.37
N ILE B 380 11.63 23.14 0.53
CA ILE B 380 11.16 22.64 1.82
C ILE B 380 11.36 21.13 1.80
N LEU B 381 12.05 20.60 2.83
CA LEU B 381 12.36 19.18 2.93
C LEU B 381 11.78 18.49 4.15
N SER B 382 11.34 19.24 5.16
CA SER B 382 10.73 18.66 6.37
C SER B 382 9.38 19.30 6.59
N ASP B 383 8.43 18.53 7.14
CA ASP B 383 7.08 19.04 7.41
C ASP B 383 6.93 19.66 8.82
N HIS B 384 7.77 20.68 9.10
CA HIS B 384 7.76 21.41 10.36
C HIS B 384 6.53 22.30 10.41
N SER B 385 5.82 22.29 11.56
CA SER B 385 4.59 23.05 11.75
C SER B 385 4.76 24.55 11.45
N GLU B 386 5.99 25.08 11.64
CA GLU B 386 6.34 26.47 11.36
C GLU B 386 6.25 26.80 9.88
N PHE B 387 6.33 25.78 9.00
CA PHE B 387 6.26 25.95 7.55
C PHE B 387 4.81 25.96 6.99
N LYS B 388 3.83 25.45 7.79
CA LYS B 388 2.41 25.38 7.41
C LYS B 388 1.82 26.74 7.01
N ASN B 389 2.21 27.78 7.76
CA ASN B 389 1.78 29.16 7.54
C ASN B 389 3.02 30.01 7.23
N LEU B 390 3.11 30.47 5.97
CA LEU B 390 4.20 31.30 5.48
C LEU B 390 3.61 32.30 4.48
N SER B 391 3.99 33.58 4.62
CA SER B 391 3.51 34.66 3.75
C SER B 391 4.65 35.14 2.83
N ASP B 392 4.34 36.03 1.86
CA ASP B 392 5.33 36.59 0.92
C ASP B 392 6.42 37.40 1.61
N SER B 393 6.10 37.90 2.83
CA SER B 393 6.97 38.71 3.68
C SER B 393 8.23 37.95 4.14
N HIS B 394 8.07 36.64 4.46
CA HIS B 394 9.17 35.77 4.90
C HIS B 394 10.22 35.63 3.80
N PHE B 395 9.76 35.59 2.54
CA PHE B 395 10.56 35.39 1.34
C PHE B 395 10.93 36.68 0.56
N ASP B 396 10.78 37.86 1.21
CA ASP B 396 11.10 39.16 0.62
C ASP B 396 12.58 39.34 0.33
N LYS B 397 13.44 38.75 1.18
CA LYS B 397 14.89 38.85 1.07
C LYS B 397 15.49 38.07 -0.11
N MET B 398 14.70 37.15 -0.72
CA MET B 398 15.10 36.31 -1.84
C MET B 398 15.40 37.05 -3.14
N LYS B 399 16.25 36.44 -3.97
CA LYS B 399 16.61 36.94 -5.29
C LYS B 399 15.40 36.70 -6.21
N HIS B 400 14.88 35.45 -6.23
CA HIS B 400 13.70 35.02 -6.98
C HIS B 400 12.77 34.35 -5.97
N LYS B 401 11.59 34.93 -5.71
CA LYS B 401 10.63 34.38 -4.74
C LYS B 401 9.95 33.10 -5.31
N VAL B 402 10.56 31.93 -5.05
CA VAL B 402 10.06 30.64 -5.53
C VAL B 402 10.35 29.51 -4.56
N ILE B 403 9.29 28.80 -4.17
CA ILE B 403 9.32 27.67 -3.25
C ILE B 403 9.08 26.34 -3.97
N PHE B 404 9.91 25.31 -3.70
CA PHE B 404 9.68 23.95 -4.18
C PHE B 404 9.49 23.06 -2.95
N ASP B 405 8.21 22.87 -2.58
CA ASP B 405 7.83 22.09 -1.42
C ASP B 405 7.73 20.62 -1.78
N THR B 406 8.50 19.77 -1.09
CA THR B 406 8.51 18.32 -1.32
C THR B 406 7.58 17.60 -0.31
N LYS B 407 7.26 18.25 0.82
CA LYS B 407 6.41 17.65 1.86
C LYS B 407 4.96 18.15 1.87
N ASN B 408 4.62 19.08 0.94
CA ASN B 408 3.31 19.73 0.76
C ASN B 408 2.77 20.20 2.12
N VAL B 409 3.63 20.95 2.83
CA VAL B 409 3.38 21.47 4.17
C VAL B 409 2.74 22.87 4.13
N VAL B 410 3.16 23.69 3.14
CA VAL B 410 2.65 25.04 2.95
C VAL B 410 1.17 25.02 2.63
N LYS B 411 0.36 25.52 3.57
CA LYS B 411 -1.08 25.57 3.38
C LYS B 411 -1.55 26.99 3.03
N SER B 412 -0.76 28.02 3.41
CA SER B 412 -1.04 29.43 3.15
C SER B 412 -1.00 29.86 1.67
N SER B 413 -1.50 31.09 1.40
CA SER B 413 -1.63 31.71 0.07
C SER B 413 -0.56 32.76 -0.25
N PHE B 414 -0.10 32.79 -1.52
CA PHE B 414 0.92 33.72 -2.00
C PHE B 414 0.41 34.60 -3.15
N GLU B 415 1.12 35.71 -3.40
CA GLU B 415 0.82 36.68 -4.46
C GLU B 415 2.04 36.91 -5.35
N ASP B 416 3.19 37.27 -4.74
CA ASP B 416 4.45 37.52 -5.45
C ASP B 416 5.33 36.26 -5.53
N VAL B 417 5.16 35.32 -4.56
CA VAL B 417 5.89 34.05 -4.49
C VAL B 417 5.29 32.98 -5.43
N LEU B 418 6.15 32.26 -6.18
CA LEU B 418 5.79 31.16 -7.06
C LEU B 418 5.89 29.85 -6.28
N TYR B 419 4.75 29.20 -6.03
CA TYR B 419 4.69 27.96 -5.24
C TYR B 419 4.58 26.67 -6.08
N TYR B 420 5.54 25.74 -5.86
CA TYR B 420 5.58 24.45 -6.52
C TYR B 420 5.58 23.26 -5.58
N ASN B 421 4.84 22.26 -5.97
CA ASN B 421 4.59 21.01 -5.30
C ASN B 421 5.05 19.90 -6.22
N TYR B 422 4.98 18.66 -5.75
CA TYR B 422 5.24 17.50 -6.57
C TYR B 422 4.16 17.35 -7.68
N GLY B 423 3.04 18.04 -7.51
CA GLY B 423 1.98 18.04 -8.50
C GLY B 423 2.05 19.21 -9.45
N ASN B 424 2.88 20.23 -9.13
CA ASN B 424 3.03 21.47 -9.90
C ASN B 424 4.36 21.67 -10.64
N ILE B 425 5.50 21.14 -10.12
CA ILE B 425 6.84 21.33 -10.74
C ILE B 425 6.95 21.27 -12.23
N PHE B 426 6.20 20.38 -12.90
CA PHE B 426 6.27 20.28 -14.36
C PHE B 426 5.88 21.62 -15.06
N ASN B 427 5.16 22.52 -14.34
CA ASN B 427 4.70 23.83 -14.80
C ASN B 427 5.80 24.88 -14.89
N PHE B 428 6.97 24.63 -14.26
CA PHE B 428 8.12 25.54 -14.33
C PHE B 428 8.82 25.31 -15.71
N ILE B 429 7.95 25.04 -16.70
CA ILE B 429 8.07 24.75 -18.13
C ILE B 429 8.99 23.57 -18.53
N ASP B 430 9.62 22.92 -17.51
CA ASP B 430 10.52 21.76 -17.64
C ASP B 430 9.74 20.43 -17.71
#